data_9ECM
#
_entry.id   9ECM
#
_entity_poly.entity_id   1
_entity_poly.type   'polypeptide(L)'
_entity_poly.pdbx_seq_one_letter_code
;GEKYKVHNPTPLIVGSSIGGLLLLALITAVLYKVGFFKRQYK
;
_entity_poly.pdbx_strand_id   A
#
# COMPACT_ATOMS: atom_id res chain seq x y z
N GLY A 1 -11.33 3.37 -23.94
CA GLY A 1 -12.40 4.15 -24.64
C GLY A 1 -11.83 5.50 -25.06
N GLU A 2 -11.88 6.46 -24.14
CA GLU A 2 -11.33 7.80 -24.38
C GLU A 2 -9.86 7.62 -24.78
N LYS A 3 -9.02 8.65 -24.70
CA LYS A 3 -7.60 8.45 -25.00
C LYS A 3 -7.00 7.68 -23.82
N TYR A 4 -7.81 6.70 -23.44
CA TYR A 4 -7.61 5.73 -22.38
C TYR A 4 -6.48 4.80 -22.79
N LYS A 5 -5.86 5.14 -23.93
CA LYS A 5 -4.80 4.34 -24.50
C LYS A 5 -3.56 4.32 -23.63
N VAL A 6 -3.62 4.99 -22.47
CA VAL A 6 -2.53 4.81 -21.52
C VAL A 6 -2.64 3.34 -21.15
N HIS A 7 -3.77 2.79 -21.62
CA HIS A 7 -4.18 1.41 -21.46
C HIS A 7 -4.77 1.24 -20.09
N ASN A 8 -4.95 2.37 -19.36
CA ASN A 8 -5.48 2.34 -17.98
C ASN A 8 -5.30 0.93 -17.51
N PRO A 9 -4.08 0.52 -17.44
CA PRO A 9 -3.79 -0.87 -17.12
C PRO A 9 -4.72 -1.31 -16.01
N THR A 10 -5.30 -2.44 -16.32
CA THR A 10 -6.17 -3.11 -15.41
C THR A 10 -5.22 -3.97 -14.58
N PRO A 11 -4.24 -4.59 -15.22
CA PRO A 11 -3.19 -5.43 -14.56
C PRO A 11 -2.15 -4.70 -13.67
N LEU A 12 -1.74 -3.49 -14.10
CA LEU A 12 -0.70 -2.74 -13.37
C LEU A 12 -1.21 -1.82 -12.26
N ILE A 13 -2.29 -1.09 -12.54
CA ILE A 13 -2.84 -0.23 -11.49
C ILE A 13 -3.56 -1.08 -10.44
N VAL A 14 -4.36 -2.03 -10.88
CA VAL A 14 -5.04 -2.88 -9.90
C VAL A 14 -4.05 -3.78 -9.20
N GLY A 15 -3.11 -4.27 -9.98
CA GLY A 15 -2.05 -5.09 -9.40
C GLY A 15 -1.09 -4.27 -8.51
N SER A 16 -0.78 -3.05 -8.97
CA SER A 16 0.12 -2.17 -8.22
C SER A 16 -0.54 -1.62 -6.96
N SER A 17 -1.78 -1.20 -7.18
CA SER A 17 -2.57 -0.65 -6.09
C SER A 17 -2.58 -1.60 -4.91
N ILE A 18 -2.67 -2.90 -5.20
CA ILE A 18 -2.66 -3.92 -4.15
C ILE A 18 -1.35 -3.89 -3.38
N GLY A 19 -0.27 -3.75 -4.15
CA GLY A 19 1.05 -3.66 -3.54
C GLY A 19 1.01 -2.52 -2.50
N GLY A 20 0.44 -1.38 -2.84
CA GLY A 20 0.34 -0.33 -1.81
C GLY A 20 -0.27 -0.95 -0.54
N LEU A 21 -1.51 -1.45 -0.59
CA LEU A 21 -2.06 -2.14 0.58
C LEU A 21 -1.05 -3.26 0.91
N LEU A 22 -0.21 -3.85 0.06
CA LEU A 22 0.64 -4.94 0.57
C LEU A 22 1.62 -4.42 1.62
N LEU A 23 2.35 -3.42 1.14
CA LEU A 23 3.39 -2.78 1.93
C LEU A 23 2.87 -2.05 3.16
N LEU A 24 1.81 -1.29 2.94
CA LEU A 24 1.24 -0.48 4.01
C LEU A 24 0.79 -1.31 5.22
N ALA A 25 -0.10 -2.26 5.00
CA ALA A 25 -0.59 -3.11 6.08
C ALA A 25 0.54 -3.87 6.76
N LEU A 26 1.45 -4.43 5.97
CA LEU A 26 2.56 -5.19 6.54
C LEU A 26 3.45 -4.26 7.39
N ILE A 27 3.79 -3.10 6.85
CA ILE A 27 4.65 -2.19 7.61
C ILE A 27 3.99 -1.78 8.92
N THR A 28 2.71 -1.45 8.83
CA THR A 28 1.95 -1.02 10.02
C THR A 28 1.99 -2.08 11.12
N ALA A 29 1.79 -3.34 10.73
CA ALA A 29 1.81 -4.44 11.70
C ALA A 29 3.19 -4.56 12.33
N VAL A 30 4.27 -4.43 11.55
CA VAL A 30 5.61 -4.54 12.14
C VAL A 30 5.82 -3.44 13.17
N LEU A 31 5.45 -2.22 12.79
CA LEU A 31 5.61 -1.07 13.68
C LEU A 31 4.88 -1.31 14.99
N TYR A 32 3.67 -1.85 14.92
CA TYR A 32 2.88 -2.13 16.11
C TYR A 32 3.66 -3.10 17.03
N LYS A 33 4.08 -4.22 16.45
CA LYS A 33 4.83 -5.20 17.22
C LYS A 33 6.04 -4.56 17.90
N VAL A 34 7.00 -3.99 17.15
CA VAL A 34 8.18 -3.38 17.75
C VAL A 34 7.80 -2.36 18.80
N GLY A 35 6.51 -2.06 18.89
CA GLY A 35 6.00 -1.11 19.85
C GLY A 35 6.17 0.33 19.35
N PHE A 36 6.41 0.52 18.07
CA PHE A 36 6.58 1.88 17.55
C PHE A 36 5.30 2.71 17.70
N PHE A 37 4.14 2.08 17.44
CA PHE A 37 2.84 2.78 17.54
C PHE A 37 2.36 2.82 19.01
N LYS A 38 3.18 2.10 19.76
CA LYS A 38 2.95 2.06 21.21
C LYS A 38 3.30 3.46 21.72
N ARG A 39 3.81 4.25 20.78
CA ARG A 39 4.23 5.64 21.02
C ARG A 39 4.87 5.82 22.40
N GLN A 40 6.16 6.10 22.37
CA GLN A 40 6.96 6.31 23.56
C GLN A 40 6.26 7.28 24.54
N TYR A 41 6.98 7.60 25.62
CA TYR A 41 6.48 8.50 26.66
C TYR A 41 5.08 8.09 27.14
N LYS A 42 4.62 6.91 26.72
CA LYS A 42 3.32 6.40 27.14
C LYS A 42 2.19 7.37 26.82
N GLY A 1 -11.89 7.32 -32.66
CA GLY A 1 -11.48 8.00 -33.92
C GLY A 1 -11.05 9.42 -33.61
N GLU A 2 -9.97 9.56 -32.84
CA GLU A 2 -9.47 10.89 -32.48
C GLU A 2 -7.95 10.94 -32.64
N LYS A 3 -7.44 12.11 -33.03
CA LYS A 3 -6.01 12.28 -33.22
C LYS A 3 -5.26 12.07 -31.91
N TYR A 4 -5.82 12.60 -30.83
CA TYR A 4 -5.19 12.46 -29.51
C TYR A 4 -5.51 11.09 -28.91
N LYS A 5 -4.47 10.42 -28.42
CA LYS A 5 -4.64 9.09 -27.82
C LYS A 5 -4.04 9.06 -26.42
N VAL A 6 -4.68 8.31 -25.53
CA VAL A 6 -4.22 8.19 -24.15
C VAL A 6 -4.14 6.74 -23.73
N HIS A 7 -3.06 6.38 -23.05
CA HIS A 7 -2.88 5.00 -22.60
C HIS A 7 -3.39 4.83 -21.18
N ASN A 8 -4.30 3.88 -20.99
CA ASN A 8 -4.88 3.63 -19.67
C ASN A 8 -4.83 2.13 -19.35
N PRO A 9 -3.70 1.64 -18.93
CA PRO A 9 -3.53 0.20 -18.57
C PRO A 9 -4.45 -0.22 -17.43
N THR A 10 -4.94 -1.45 -17.51
CA THR A 10 -5.83 -2.00 -16.49
C THR A 10 -5.11 -2.82 -15.41
N PRO A 11 -4.37 -3.84 -15.80
CA PRO A 11 -3.70 -4.78 -14.85
C PRO A 11 -2.55 -4.20 -14.02
N LEU A 12 -2.05 -3.06 -14.46
CA LEU A 12 -0.93 -2.40 -13.79
C LEU A 12 -1.37 -1.48 -12.66
N ILE A 13 -2.42 -0.69 -12.88
CA ILE A 13 -2.94 0.15 -11.80
C ILE A 13 -3.56 -0.75 -10.73
N VAL A 14 -4.31 -1.77 -11.15
CA VAL A 14 -4.91 -2.67 -10.17
C VAL A 14 -3.81 -3.38 -9.40
N GLY A 15 -3.08 -4.25 -10.09
CA GLY A 15 -2.03 -5.03 -9.45
C GLY A 15 -1.09 -4.16 -8.59
N SER A 16 -0.79 -2.94 -9.07
CA SER A 16 0.07 -2.03 -8.33
C SER A 16 -0.63 -1.49 -7.08
N SER A 17 -1.92 -1.21 -7.27
CA SER A 17 -2.70 -0.66 -6.17
C SER A 17 -2.72 -1.64 -5.00
N ILE A 18 -2.77 -2.93 -5.30
CA ILE A 18 -2.77 -3.99 -4.27
C ILE A 18 -1.45 -3.95 -3.51
N GLY A 19 -0.36 -3.80 -4.26
CA GLY A 19 0.95 -3.79 -3.65
C GLY A 19 1.02 -2.66 -2.62
N GLY A 20 0.48 -1.50 -2.95
CA GLY A 20 0.50 -0.40 -1.97
C GLY A 20 -0.13 -0.91 -0.69
N LEU A 21 -1.29 -1.55 -0.79
CA LEU A 21 -1.92 -2.16 0.39
C LEU A 21 -0.98 -3.26 0.86
N LEU A 22 -0.26 -4.01 0.03
CA LEU A 22 0.56 -5.07 0.60
C LEU A 22 1.56 -4.52 1.61
N LEU A 23 2.27 -3.50 1.14
CA LEU A 23 3.31 -2.87 1.94
C LEU A 23 2.79 -2.13 3.16
N LEU A 24 1.69 -1.39 2.96
CA LEU A 24 1.17 -0.58 4.06
C LEU A 24 0.73 -1.43 5.24
N ALA A 25 0.00 -2.51 4.99
CA ALA A 25 -0.47 -3.36 6.09
C ALA A 25 0.71 -4.03 6.79
N LEU A 26 1.67 -4.52 6.00
CA LEU A 26 2.84 -5.19 6.58
C LEU A 26 3.65 -4.23 7.44
N ILE A 27 3.87 -3.01 6.93
CA ILE A 27 4.64 -2.02 7.67
C ILE A 27 3.93 -1.63 8.98
N THR A 28 2.62 -1.42 8.87
CA THR A 28 1.81 -1.03 10.02
C THR A 28 1.87 -2.11 11.10
N ALA A 29 1.73 -3.37 10.69
CA ALA A 29 1.78 -4.47 11.65
C ALA A 29 3.15 -4.51 12.32
N VAL A 30 4.21 -4.29 11.55
CA VAL A 30 5.56 -4.31 12.12
C VAL A 30 5.70 -3.20 13.16
N LEU A 31 5.22 -2.00 12.81
CA LEU A 31 5.32 -0.86 13.72
C LEU A 31 4.57 -1.16 15.02
N TYR A 32 3.40 -1.77 14.90
CA TYR A 32 2.60 -2.12 16.07
C TYR A 32 3.35 -3.11 16.97
N LYS A 33 3.91 -4.13 16.35
CA LYS A 33 4.63 -5.17 17.09
C LYS A 33 5.88 -4.64 17.82
N VAL A 34 6.67 -3.77 17.18
CA VAL A 34 7.89 -3.25 17.80
C VAL A 34 7.60 -2.17 18.85
N GLY A 35 6.35 -1.73 18.93
CA GLY A 35 5.97 -0.71 19.91
C GLY A 35 6.27 0.71 19.44
N PHE A 36 6.54 0.91 18.15
CA PHE A 36 6.82 2.26 17.66
C PHE A 36 5.73 3.22 18.13
N PHE A 37 4.60 2.66 18.50
CA PHE A 37 3.47 3.43 19.02
C PHE A 37 3.85 4.03 20.37
N LYS A 38 4.66 3.30 21.13
CA LYS A 38 5.10 3.77 22.44
C LYS A 38 3.92 4.09 23.34
N ARG A 39 3.21 3.05 23.78
CA ARG A 39 2.06 3.23 24.64
C ARG A 39 2.47 3.83 25.99
N GLN A 40 3.61 3.36 26.50
CA GLN A 40 4.12 3.85 27.78
C GLN A 40 5.36 4.72 27.55
N TYR A 41 5.34 5.92 28.12
CA TYR A 41 6.45 6.85 27.97
C TYR A 41 7.72 6.24 28.57
N LYS A 42 7.59 5.68 29.78
CA LYS A 42 8.74 5.08 30.45
C LYS A 42 9.24 3.87 29.67
N GLY A 1 -4.62 -8.96 -33.12
CA GLY A 1 -4.62 -7.56 -32.63
C GLY A 1 -3.43 -7.34 -31.69
N GLU A 2 -3.61 -7.70 -30.43
CA GLU A 2 -2.56 -7.56 -29.44
C GLU A 2 -2.07 -6.12 -29.39
N LYS A 3 -2.96 -5.18 -29.69
CA LYS A 3 -2.61 -3.76 -29.68
C LYS A 3 -2.21 -3.31 -28.28
N TYR A 4 -2.95 -3.79 -27.29
CA TYR A 4 -2.69 -3.42 -25.90
C TYR A 4 -2.41 -1.93 -25.76
N LYS A 5 -3.41 -1.17 -25.32
CA LYS A 5 -3.26 0.26 -25.14
C LYS A 5 -2.40 0.57 -23.93
N VAL A 6 -1.55 1.59 -24.05
CA VAL A 6 -0.68 1.99 -22.96
C VAL A 6 -1.13 3.32 -22.37
N HIS A 7 -2.14 3.92 -22.99
CA HIS A 7 -2.65 5.19 -22.51
C HIS A 7 -3.29 5.05 -21.13
N ASN A 8 -4.05 3.97 -20.95
CA ASN A 8 -4.71 3.73 -19.67
C ASN A 8 -4.73 2.23 -19.36
N PRO A 9 -3.63 1.68 -18.94
CA PRO A 9 -3.51 0.24 -18.60
C PRO A 9 -4.44 -0.16 -17.46
N THR A 10 -4.95 -1.39 -17.56
CA THR A 10 -5.86 -1.93 -16.54
C THR A 10 -5.15 -2.77 -15.47
N PRO A 11 -4.42 -3.78 -15.86
CA PRO A 11 -3.75 -4.73 -14.91
C PRO A 11 -2.61 -4.16 -14.07
N LEU A 12 -2.12 -3.01 -14.50
CA LEU A 12 -1.01 -2.33 -13.83
C LEU A 12 -1.46 -1.44 -12.68
N ILE A 13 -2.52 -0.67 -12.88
CA ILE A 13 -3.05 0.15 -11.80
C ILE A 13 -3.65 -0.78 -10.73
N VAL A 14 -4.39 -1.78 -11.17
CA VAL A 14 -4.98 -2.70 -10.20
C VAL A 14 -3.86 -3.43 -9.45
N GLY A 15 -3.16 -4.30 -10.15
CA GLY A 15 -2.11 -5.11 -9.54
C GLY A 15 -1.15 -4.30 -8.68
N SER A 16 -0.79 -3.10 -9.16
CA SER A 16 0.11 -2.23 -8.42
C SER A 16 -0.54 -1.62 -7.18
N SER A 17 -1.81 -1.24 -7.35
CA SER A 17 -2.53 -0.63 -6.24
C SER A 17 -2.63 -1.60 -5.06
N ILE A 18 -2.71 -2.89 -5.35
CA ILE A 18 -2.77 -3.90 -4.30
C ILE A 18 -1.45 -3.87 -3.51
N GLY A 19 -0.35 -3.72 -4.26
CA GLY A 19 0.98 -3.68 -3.61
C GLY A 19 1.02 -2.55 -2.57
N GLY A 20 0.45 -1.39 -2.88
CA GLY A 20 0.45 -0.31 -1.88
C GLY A 20 -0.20 -0.85 -0.61
N LEU A 21 -1.35 -1.50 -0.73
CA LEU A 21 -1.98 -2.14 0.43
C LEU A 21 -1.03 -3.24 0.89
N LEU A 22 -0.29 -3.97 0.06
CA LEU A 22 0.53 -5.05 0.59
C LEU A 22 1.54 -4.52 1.61
N LEU A 23 2.25 -3.50 1.15
CA LEU A 23 3.31 -2.88 1.94
C LEU A 23 2.80 -2.13 3.16
N LEU A 24 1.74 -1.35 2.97
CA LEU A 24 1.22 -0.54 4.08
C LEU A 24 0.78 -1.40 5.26
N ALA A 25 0.04 -2.47 5.00
CA ALA A 25 -0.43 -3.32 6.08
C ALA A 25 0.75 -4.02 6.78
N LEU A 26 1.71 -4.49 5.99
CA LEU A 26 2.87 -5.17 6.57
C LEU A 26 3.68 -4.22 7.44
N ILE A 27 3.93 -3.01 6.95
CA ILE A 27 4.71 -2.04 7.73
C ILE A 27 4.01 -1.65 9.03
N THR A 28 2.70 -1.40 8.92
CA THR A 28 1.92 -1.00 10.09
C THR A 28 1.97 -2.08 11.16
N ALA A 29 1.80 -3.33 10.76
CA ALA A 29 1.83 -4.42 11.73
C ALA A 29 3.20 -4.47 12.40
N VAL A 30 4.27 -4.26 11.64
CA VAL A 30 5.61 -4.29 12.21
C VAL A 30 5.80 -3.19 13.25
N LEU A 31 5.37 -1.97 12.92
CA LEU A 31 5.53 -0.86 13.86
C LEU A 31 4.77 -1.11 15.15
N TYR A 32 3.56 -1.62 15.03
CA TYR A 32 2.73 -1.93 16.20
C TYR A 32 3.41 -2.98 17.09
N LYS A 33 3.91 -4.04 16.47
CA LYS A 33 4.55 -5.13 17.20
C LYS A 33 5.82 -4.68 17.93
N VAL A 34 6.63 -3.81 17.33
CA VAL A 34 7.85 -3.37 17.99
C VAL A 34 7.58 -2.27 19.02
N GLY A 35 6.32 -1.82 19.10
CA GLY A 35 5.95 -0.79 20.08
C GLY A 35 6.31 0.62 19.62
N PHE A 36 6.61 0.81 18.34
CA PHE A 36 6.97 2.14 17.88
C PHE A 36 5.84 3.15 18.11
N PHE A 37 4.62 2.78 17.74
CA PHE A 37 3.46 3.64 17.93
C PHE A 37 3.02 3.75 19.39
N LYS A 38 3.10 2.63 20.09
CA LYS A 38 2.74 2.61 21.50
C LYS A 38 3.75 3.47 22.27
N ARG A 39 3.23 4.31 23.16
CA ARG A 39 4.09 5.18 23.96
C ARG A 39 4.27 4.63 25.36
N GLN A 40 5.51 4.68 25.86
CA GLN A 40 5.80 4.17 27.19
C GLN A 40 5.08 4.98 28.25
N TYR A 41 5.03 6.30 28.06
CA TYR A 41 4.36 7.18 29.01
C TYR A 41 3.06 7.71 28.43
N LYS A 42 2.00 7.70 29.24
CA LYS A 42 0.70 8.17 28.79
C LYS A 42 0.70 9.70 28.67
N GLY A 1 5.28 17.87 -22.86
CA GLY A 1 5.04 16.46 -23.30
C GLY A 1 3.55 16.17 -23.31
N GLU A 2 2.83 16.83 -24.22
CA GLU A 2 1.38 16.64 -24.34
C GLU A 2 1.04 15.95 -25.66
N LYS A 3 0.35 14.82 -25.56
CA LYS A 3 -0.05 14.06 -26.74
C LYS A 3 -1.54 13.80 -26.74
N TYR A 4 -2.15 13.82 -27.91
CA TYR A 4 -3.58 13.57 -28.02
C TYR A 4 -3.92 12.17 -27.51
N LYS A 5 -3.15 11.19 -27.95
CA LYS A 5 -3.37 9.80 -27.54
C LYS A 5 -2.89 9.60 -26.11
N VAL A 6 -3.62 8.80 -25.34
CA VAL A 6 -3.24 8.52 -23.96
C VAL A 6 -3.35 7.03 -23.67
N HIS A 7 -2.68 6.60 -22.61
CA HIS A 7 -2.70 5.19 -22.22
C HIS A 7 -3.38 5.02 -20.87
N ASN A 8 -4.14 3.94 -20.72
CA ASN A 8 -4.83 3.67 -19.46
C ASN A 8 -4.83 2.17 -19.15
N PRO A 9 -3.71 1.66 -18.72
CA PRO A 9 -3.57 0.22 -18.38
C PRO A 9 -4.50 -0.19 -17.24
N THR A 10 -5.03 -1.42 -17.33
CA THR A 10 -5.94 -1.96 -16.32
C THR A 10 -5.23 -2.81 -15.25
N PRO A 11 -4.51 -3.84 -15.65
CA PRO A 11 -3.85 -4.80 -14.70
C PRO A 11 -2.69 -4.24 -13.87
N LEU A 12 -2.19 -3.09 -14.31
CA LEU A 12 -1.04 -2.46 -13.64
C LEU A 12 -1.44 -1.53 -12.49
N ILE A 13 -2.47 -0.70 -12.69
CA ILE A 13 -2.93 0.14 -11.59
C ILE A 13 -3.59 -0.74 -10.53
N VAL A 14 -4.42 -1.67 -10.98
CA VAL A 14 -5.11 -2.57 -10.06
C VAL A 14 -4.14 -3.56 -9.40
N GLY A 15 -3.16 -3.99 -10.17
CA GLY A 15 -2.15 -4.93 -9.66
C GLY A 15 -1.15 -4.20 -8.75
N SER A 16 -0.75 -3.02 -9.18
CA SER A 16 0.19 -2.22 -8.41
C SER A 16 -0.47 -1.64 -7.14
N SER A 17 -1.74 -1.26 -7.28
CA SER A 17 -2.45 -0.69 -6.15
C SER A 17 -2.47 -1.67 -4.97
N ILE A 18 -2.46 -2.96 -5.28
CA ILE A 18 -2.43 -3.98 -4.24
C ILE A 18 -1.12 -3.87 -3.45
N GLY A 19 -0.04 -3.67 -4.20
CA GLY A 19 1.27 -3.55 -3.56
C GLY A 19 1.23 -2.42 -2.53
N GLY A 20 0.60 -1.30 -2.86
CA GLY A 20 0.52 -0.21 -1.89
C GLY A 20 -0.11 -0.77 -0.61
N LEU A 21 -1.25 -1.44 -0.72
CA LEU A 21 -1.87 -2.08 0.43
C LEU A 21 -0.91 -3.18 0.90
N LEU A 22 -0.16 -3.89 0.07
CA LEU A 22 0.67 -4.96 0.63
C LEU A 22 1.66 -4.41 1.65
N LEU A 23 2.41 -3.41 1.17
CA LEU A 23 3.42 -2.76 2.01
C LEU A 23 2.86 -2.03 3.22
N LEU A 24 1.78 -1.26 3.01
CA LEU A 24 1.22 -0.46 4.10
C LEU A 24 0.75 -1.31 5.29
N ALA A 25 0.03 -2.39 5.02
CA ALA A 25 -0.44 -3.24 6.09
C ALA A 25 0.71 -3.96 6.78
N LEU A 26 1.65 -4.47 5.99
CA LEU A 26 2.77 -5.19 6.58
C LEU A 26 3.60 -4.25 7.44
N ILE A 27 3.90 -3.06 6.93
CA ILE A 27 4.71 -2.10 7.69
C ILE A 27 4.02 -1.67 8.98
N THR A 28 2.73 -1.38 8.87
CA THR A 28 1.97 -0.95 10.03
C THR A 28 1.97 -2.03 11.11
N ALA A 29 1.74 -3.27 10.69
CA ALA A 29 1.73 -4.37 11.64
C ALA A 29 3.09 -4.50 12.30
N VAL A 30 4.17 -4.33 11.53
CA VAL A 30 5.51 -4.44 12.10
C VAL A 30 5.73 -3.34 13.14
N LEU A 31 5.33 -2.12 12.79
CA LEU A 31 5.52 -1.00 13.70
C LEU A 31 4.75 -1.23 15.00
N TYR A 32 3.53 -1.72 14.87
CA TYR A 32 2.70 -2.00 16.05
C TYR A 32 3.35 -3.04 16.95
N LYS A 33 3.84 -4.12 16.34
CA LYS A 33 4.48 -5.18 17.10
C LYS A 33 5.75 -4.68 17.81
N VAL A 34 6.56 -3.87 17.14
CA VAL A 34 7.79 -3.36 17.73
C VAL A 34 7.51 -2.28 18.79
N GLY A 35 6.25 -1.84 18.89
CA GLY A 35 5.90 -0.84 19.89
C GLY A 35 6.22 0.58 19.45
N PHE A 36 6.46 0.79 18.15
CA PHE A 36 6.77 2.13 17.69
C PHE A 36 5.64 3.10 18.04
N PHE A 37 4.40 2.67 17.79
CA PHE A 37 3.24 3.51 18.09
C PHE A 37 3.35 4.14 19.48
N LYS A 38 4.28 3.65 20.28
CA LYS A 38 4.48 4.20 21.63
C LYS A 38 4.91 5.66 21.55
N ARG A 39 5.80 5.95 20.61
CA ARG A 39 6.32 7.30 20.44
C ARG A 39 5.21 8.29 20.06
N GLN A 40 4.30 7.82 19.21
CA GLN A 40 3.19 8.67 18.76
C GLN A 40 3.72 9.91 18.05
N TYR A 41 2.87 10.55 17.26
CA TYR A 41 3.28 11.75 16.53
C TYR A 41 2.75 13.00 17.23
N LYS A 42 2.20 12.81 18.41
CA LYS A 42 1.66 13.93 19.18
C LYS A 42 0.88 14.86 18.26
N GLY A 1 -0.46 0.51 -30.01
CA GLY A 1 -0.73 0.28 -31.46
C GLY A 1 -2.22 0.41 -31.73
N GLU A 2 -2.68 1.66 -31.89
CA GLU A 2 -4.09 1.92 -32.16
C GLU A 2 -4.98 1.40 -31.02
N LYS A 3 -4.43 1.39 -29.81
CA LYS A 3 -5.18 0.92 -28.64
C LYS A 3 -5.01 1.88 -27.48
N TYR A 4 -6.03 1.95 -26.62
CA TYR A 4 -6.00 2.84 -25.47
C TYR A 4 -5.49 2.10 -24.24
N LYS A 5 -5.13 0.83 -24.40
CA LYS A 5 -4.63 0.04 -23.29
C LYS A 5 -3.33 0.63 -22.75
N VAL A 6 -2.46 1.08 -23.66
CA VAL A 6 -1.18 1.66 -23.25
C VAL A 6 -1.40 2.94 -22.47
N HIS A 7 -2.33 3.76 -22.92
CA HIS A 7 -2.62 5.01 -22.23
C HIS A 7 -3.21 4.73 -20.87
N ASN A 8 -4.10 3.74 -20.79
CA ASN A 8 -4.74 3.39 -19.53
C ASN A 8 -4.73 1.89 -19.27
N PRO A 9 -3.60 1.35 -18.85
CA PRO A 9 -3.45 -0.10 -18.53
C PRO A 9 -4.36 -0.51 -17.37
N THR A 10 -4.87 -1.73 -17.44
CA THR A 10 -5.75 -2.26 -16.42
C THR A 10 -5.02 -3.07 -15.33
N PRO A 11 -4.26 -4.06 -15.71
CA PRO A 11 -3.57 -4.98 -14.75
C PRO A 11 -2.44 -4.38 -13.93
N LEU A 12 -1.97 -3.23 -14.39
CA LEU A 12 -0.88 -2.54 -13.74
C LEU A 12 -1.34 -1.58 -12.65
N ILE A 13 -2.46 -0.92 -12.91
CA ILE A 13 -3.00 0.02 -11.93
C ILE A 13 -3.71 -0.73 -10.81
N VAL A 14 -4.23 -1.91 -11.10
CA VAL A 14 -4.86 -2.68 -10.02
C VAL A 14 -3.75 -3.37 -9.25
N GLY A 15 -2.97 -4.18 -9.96
CA GLY A 15 -1.89 -4.92 -9.33
C GLY A 15 -0.98 -4.03 -8.48
N SER A 16 -0.72 -2.82 -8.97
CA SER A 16 0.12 -1.86 -8.25
C SER A 16 -0.59 -1.32 -7.02
N SER A 17 -1.87 -1.08 -7.21
CA SER A 17 -2.68 -0.56 -6.12
C SER A 17 -2.68 -1.54 -4.94
N ILE A 18 -2.76 -2.83 -5.24
CA ILE A 18 -2.75 -3.85 -4.19
C ILE A 18 -1.43 -3.82 -3.43
N GLY A 19 -0.35 -3.69 -4.19
CA GLY A 19 0.96 -3.65 -3.57
C GLY A 19 1.00 -2.52 -2.54
N GLY A 20 0.44 -1.37 -2.85
CA GLY A 20 0.43 -0.28 -1.87
C GLY A 20 -0.21 -0.81 -0.58
N LEU A 21 -1.37 -1.45 -0.70
CA LEU A 21 -1.99 -2.07 0.48
C LEU A 21 -1.06 -3.17 0.93
N LEU A 22 -0.32 -3.89 0.10
CA LEU A 22 0.50 -4.97 0.64
C LEU A 22 1.50 -4.43 1.66
N LEU A 23 2.20 -3.40 1.18
CA LEU A 23 3.24 -2.75 1.98
C LEU A 23 2.72 -2.02 3.21
N LEU A 24 1.64 -1.28 3.04
CA LEU A 24 1.12 -0.49 4.14
C LEU A 24 0.67 -1.34 5.33
N ALA A 25 -0.07 -2.42 5.07
CA ALA A 25 -0.54 -3.28 6.15
C ALA A 25 0.63 -3.96 6.84
N LEU A 26 1.58 -4.45 6.05
CA LEU A 26 2.75 -5.13 6.64
C LEU A 26 3.57 -4.16 7.49
N ILE A 27 3.80 -2.95 6.97
CA ILE A 27 4.58 -1.96 7.69
C ILE A 27 3.89 -1.57 9.00
N THR A 28 2.59 -1.34 8.91
CA THR A 28 1.83 -0.95 10.10
C THR A 28 1.90 -2.05 11.16
N ALA A 29 1.73 -3.30 10.75
CA ALA A 29 1.77 -4.41 11.69
C ALA A 29 3.16 -4.51 12.33
N VAL A 30 4.22 -4.34 11.56
CA VAL A 30 5.56 -4.41 12.12
C VAL A 30 5.76 -3.31 13.14
N LEU A 31 5.34 -2.10 12.79
CA LEU A 31 5.51 -0.97 13.69
C LEU A 31 4.76 -1.20 15.00
N TYR A 32 3.55 -1.70 14.89
CA TYR A 32 2.74 -1.97 16.06
C TYR A 32 3.43 -3.01 16.96
N LYS A 33 3.93 -4.08 16.35
CA LYS A 33 4.60 -5.16 17.09
C LYS A 33 5.87 -4.70 17.79
N VAL A 34 6.71 -3.91 17.14
CA VAL A 34 7.94 -3.46 17.78
C VAL A 34 7.66 -2.38 18.82
N GLY A 35 6.39 -1.94 18.90
CA GLY A 35 6.00 -0.93 19.87
C GLY A 35 6.33 0.49 19.41
N PHE A 36 6.60 0.70 18.12
CA PHE A 36 6.94 2.04 17.64
C PHE A 36 5.83 3.05 17.92
N PHE A 37 4.60 2.69 17.56
CA PHE A 37 3.46 3.57 17.77
C PHE A 37 3.03 3.70 19.22
N LYS A 38 3.07 2.58 19.93
CA LYS A 38 2.71 2.60 21.34
C LYS A 38 3.69 3.52 22.07
N ARG A 39 4.98 3.41 21.72
CA ARG A 39 5.99 4.25 22.36
C ARG A 39 6.01 5.64 21.72
N GLN A 40 6.20 6.65 22.55
CA GLN A 40 6.24 8.03 22.06
C GLN A 40 5.05 8.35 21.17
N TYR A 41 3.95 8.83 21.78
CA TYR A 41 2.75 9.16 21.02
C TYR A 41 3.05 10.26 20.00
N LYS A 42 3.76 11.29 20.46
CA LYS A 42 4.11 12.41 19.59
C LYS A 42 5.09 11.97 18.51
N GLY A 1 -10.11 17.14 -26.59
CA GLY A 1 -10.73 16.62 -27.85
C GLY A 1 -9.65 16.09 -28.77
N GLU A 2 -9.67 14.79 -29.03
CA GLU A 2 -8.67 14.17 -29.90
C GLU A 2 -9.34 13.22 -30.88
N LYS A 3 -8.78 13.11 -32.08
CA LYS A 3 -9.33 12.23 -33.10
C LYS A 3 -9.27 10.78 -32.64
N TYR A 4 -8.16 10.40 -32.03
CA TYR A 4 -7.97 9.04 -31.53
C TYR A 4 -7.97 9.01 -30.01
N LYS A 5 -8.61 8.00 -29.44
CA LYS A 5 -8.68 7.87 -27.98
C LYS A 5 -8.13 6.52 -27.55
N VAL A 6 -7.47 6.50 -26.39
CA VAL A 6 -6.89 5.27 -25.86
C VAL A 6 -7.16 5.15 -24.38
N HIS A 7 -7.24 3.91 -23.90
CA HIS A 7 -7.49 3.65 -22.47
C HIS A 7 -6.20 3.19 -21.79
N ASN A 8 -5.86 3.85 -20.70
CA ASN A 8 -4.64 3.49 -19.97
C ASN A 8 -4.68 2.02 -19.54
N PRO A 9 -3.56 1.47 -19.11
CA PRO A 9 -3.52 0.04 -18.66
C PRO A 9 -4.44 -0.23 -17.48
N THR A 10 -5.06 -1.42 -17.46
CA THR A 10 -5.92 -1.80 -16.35
C THR A 10 -5.17 -2.69 -15.34
N PRO A 11 -4.48 -3.70 -15.84
CA PRO A 11 -3.72 -4.70 -15.01
C PRO A 11 -2.61 -4.15 -14.13
N LEU A 12 -2.09 -3.00 -14.54
CA LEU A 12 -0.98 -2.38 -13.82
C LEU A 12 -1.41 -1.49 -12.67
N ILE A 13 -2.45 -0.67 -12.86
CA ILE A 13 -2.93 0.13 -11.73
C ILE A 13 -3.59 -0.77 -10.70
N VAL A 14 -4.40 -1.70 -11.17
CA VAL A 14 -5.09 -2.63 -10.28
C VAL A 14 -4.12 -3.60 -9.61
N GLY A 15 -3.09 -3.97 -10.37
CA GLY A 15 -2.08 -4.87 -9.83
C GLY A 15 -1.10 -4.14 -8.91
N SER A 16 -0.75 -2.93 -9.31
CA SER A 16 0.16 -2.11 -8.51
C SER A 16 -0.52 -1.56 -7.25
N SER A 17 -1.79 -1.21 -7.41
CA SER A 17 -2.54 -0.66 -6.28
C SER A 17 -2.60 -1.64 -5.11
N ILE A 18 -2.67 -2.94 -5.42
CA ILE A 18 -2.72 -3.94 -4.35
C ILE A 18 -1.38 -3.95 -3.57
N GLY A 19 -0.33 -3.61 -4.29
CA GLY A 19 0.99 -3.62 -3.64
C GLY A 19 1.03 -2.52 -2.59
N GLY A 20 0.45 -1.37 -2.90
CA GLY A 20 0.43 -0.29 -1.91
C GLY A 20 -0.22 -0.86 -0.65
N LEU A 21 -1.34 -1.55 -0.80
CA LEU A 21 -1.96 -2.21 0.35
C LEU A 21 -0.99 -3.28 0.83
N LEU A 22 -0.22 -3.98 0.00
CA LEU A 22 0.63 -5.04 0.56
C LEU A 22 1.62 -4.49 1.59
N LEU A 23 2.32 -3.45 1.15
CA LEU A 23 3.34 -2.82 1.98
C LEU A 23 2.79 -2.10 3.20
N LEU A 24 1.69 -1.37 3.01
CA LEU A 24 1.15 -0.59 4.12
C LEU A 24 0.71 -1.46 5.29
N ALA A 25 0.02 -2.57 5.01
CA ALA A 25 -0.44 -3.45 6.07
C ALA A 25 0.74 -4.12 6.78
N LEU A 26 1.71 -4.58 6.01
CA LEU A 26 2.88 -5.24 6.59
C LEU A 26 3.68 -4.29 7.48
N ILE A 27 3.92 -3.08 6.98
CA ILE A 27 4.69 -2.11 7.75
C ILE A 27 3.99 -1.72 9.04
N THR A 28 2.68 -1.49 8.92
CA THR A 28 1.88 -1.10 10.08
C THR A 28 1.94 -2.17 11.15
N ALA A 29 1.81 -3.43 10.75
CA ALA A 29 1.86 -4.53 11.71
C ALA A 29 3.23 -4.54 12.41
N VAL A 30 4.29 -4.27 11.65
CA VAL A 30 5.63 -4.25 12.25
C VAL A 30 5.75 -3.15 13.31
N LEU A 31 5.26 -1.95 12.98
CA LEU A 31 5.35 -0.84 13.92
C LEU A 31 4.58 -1.17 15.20
N TYR A 32 3.41 -1.77 15.03
CA TYR A 32 2.59 -2.14 16.19
C TYR A 32 3.33 -3.15 17.08
N LYS A 33 3.91 -4.16 16.46
CA LYS A 33 4.64 -5.20 17.17
C LYS A 33 5.86 -4.67 17.92
N VAL A 34 6.64 -3.77 17.32
CA VAL A 34 7.84 -3.26 17.98
C VAL A 34 7.52 -2.18 19.02
N GLY A 35 6.26 -1.74 19.08
CA GLY A 35 5.87 -0.71 20.04
C GLY A 35 6.28 0.69 19.59
N PHE A 36 6.57 0.87 18.30
CA PHE A 36 6.99 2.19 17.82
C PHE A 36 5.91 3.26 18.04
N PHE A 37 4.73 2.85 18.51
CA PHE A 37 3.66 3.81 18.74
C PHE A 37 3.77 4.43 20.13
N LYS A 38 4.72 3.97 20.92
CA LYS A 38 4.91 4.48 22.27
C LYS A 38 5.18 5.99 22.23
N ARG A 39 6.06 6.39 21.30
CA ARG A 39 6.39 7.80 21.17
C ARG A 39 5.36 8.52 20.30
N GLN A 40 4.99 9.73 20.72
CA GLN A 40 4.01 10.51 19.97
C GLN A 40 4.55 10.89 18.60
N TYR A 41 5.83 11.24 18.54
CA TYR A 41 6.45 11.61 17.28
C TYR A 41 6.60 10.40 16.36
N LYS A 42 6.22 10.58 15.10
CA LYS A 42 6.31 9.50 14.13
C LYS A 42 7.61 9.60 13.33
N GLY A 1 -7.34 8.12 -22.17
CA GLY A 1 -6.21 8.96 -21.68
C GLY A 1 -6.32 9.16 -20.18
N GLU A 2 -5.99 10.35 -19.72
CA GLU A 2 -6.05 10.66 -18.30
C GLU A 2 -7.49 10.60 -17.81
N LYS A 3 -8.40 11.07 -18.66
CA LYS A 3 -9.83 11.10 -18.33
C LYS A 3 -10.39 9.69 -18.13
N TYR A 4 -9.99 8.76 -18.99
CA TYR A 4 -10.47 7.38 -18.89
C TYR A 4 -9.35 6.41 -18.53
N LYS A 5 -9.65 5.45 -17.65
CA LYS A 5 -8.66 4.45 -17.25
C LYS A 5 -8.71 3.24 -18.19
N VAL A 6 -9.75 3.19 -19.03
CA VAL A 6 -9.91 2.10 -19.99
C VAL A 6 -8.77 2.11 -21.01
N HIS A 7 -8.45 3.30 -21.50
CA HIS A 7 -7.39 3.47 -22.48
C HIS A 7 -6.05 3.08 -21.87
N ASN A 8 -5.80 3.51 -20.63
CA ASN A 8 -4.55 3.18 -19.97
C ASN A 8 -4.55 1.73 -19.50
N PRO A 9 -3.44 1.19 -19.06
CA PRO A 9 -3.38 -0.21 -18.59
C PRO A 9 -4.30 -0.45 -17.40
N THR A 10 -4.93 -1.62 -17.36
CA THR A 10 -5.80 -1.97 -16.24
C THR A 10 -5.06 -2.81 -15.19
N PRO A 11 -4.36 -3.84 -15.63
CA PRO A 11 -3.62 -4.80 -14.75
C PRO A 11 -2.49 -4.21 -13.90
N LEU A 12 -2.00 -3.06 -14.34
CA LEU A 12 -0.89 -2.41 -13.64
C LEU A 12 -1.30 -1.48 -12.51
N ILE A 13 -2.32 -0.65 -12.69
CA ILE A 13 -2.77 0.20 -11.58
C ILE A 13 -3.44 -0.66 -10.50
N VAL A 14 -4.27 -1.60 -10.94
CA VAL A 14 -4.97 -2.48 -10.01
C VAL A 14 -4.02 -3.47 -9.33
N GLY A 15 -3.03 -3.93 -10.11
CA GLY A 15 -2.04 -4.83 -9.55
C GLY A 15 -1.08 -4.06 -8.64
N SER A 16 -0.74 -2.86 -9.07
CA SER A 16 0.14 -2.03 -8.26
C SER A 16 -0.59 -1.52 -7.02
N SER A 17 -1.88 -1.31 -7.20
CA SER A 17 -2.71 -0.82 -6.09
C SER A 17 -2.67 -1.81 -4.94
N ILE A 18 -2.67 -3.10 -5.26
CA ILE A 18 -2.60 -4.12 -4.23
C ILE A 18 -1.29 -4.01 -3.45
N GLY A 19 -0.21 -3.78 -4.19
CA GLY A 19 1.10 -3.65 -3.56
C GLY A 19 1.08 -2.52 -2.53
N GLY A 20 0.47 -1.39 -2.85
CA GLY A 20 0.41 -0.28 -1.87
C GLY A 20 -0.24 -0.82 -0.59
N LEU A 21 -1.38 -1.49 -0.71
CA LEU A 21 -2.01 -2.10 0.45
C LEU A 21 -1.06 -3.20 0.93
N LEU A 22 -0.32 -3.94 0.11
CA LEU A 22 0.50 -5.01 0.67
C LEU A 22 1.51 -4.46 1.68
N LEU A 23 2.23 -3.45 1.19
CA LEU A 23 3.28 -2.81 1.97
C LEU A 23 2.77 -2.04 3.20
N LEU A 24 1.68 -1.31 2.99
CA LEU A 24 1.16 -0.47 4.08
C LEU A 24 0.71 -1.30 5.27
N ALA A 25 -0.05 -2.37 5.02
CA ALA A 25 -0.54 -3.22 6.10
C ALA A 25 0.61 -3.92 6.81
N LEU A 26 1.55 -4.45 6.04
CA LEU A 26 2.69 -5.16 6.62
C LEU A 26 3.54 -4.23 7.47
N ILE A 27 3.82 -3.06 6.94
CA ILE A 27 4.66 -2.11 7.68
C ILE A 27 3.99 -1.66 8.98
N THR A 28 2.70 -1.34 8.89
CA THR A 28 1.98 -0.86 10.07
C THR A 28 1.99 -1.94 11.15
N ALA A 29 1.73 -3.19 10.76
CA ALA A 29 1.72 -4.29 11.71
C ALA A 29 3.10 -4.47 12.35
N VAL A 30 4.17 -4.37 11.55
CA VAL A 30 5.52 -4.52 12.09
C VAL A 30 5.78 -3.43 13.11
N LEU A 31 5.44 -2.19 12.75
CA LEU A 31 5.67 -1.08 13.66
C LEU A 31 4.90 -1.29 14.96
N TYR A 32 3.66 -1.75 14.84
CA TYR A 32 2.82 -2.01 16.02
C TYR A 32 3.47 -3.06 16.92
N LYS A 33 3.96 -4.14 16.32
CA LYS A 33 4.60 -5.20 17.08
C LYS A 33 5.85 -4.67 17.78
N VAL A 34 6.63 -3.82 17.13
CA VAL A 34 7.85 -3.27 17.73
C VAL A 34 7.52 -2.21 18.78
N GLY A 35 6.27 -1.79 18.87
CA GLY A 35 5.89 -0.80 19.85
C GLY A 35 6.23 0.62 19.40
N PHE A 36 6.53 0.81 18.12
CA PHE A 36 6.88 2.15 17.64
C PHE A 36 5.74 3.14 17.87
N PHE A 37 4.53 2.75 17.49
CA PHE A 37 3.36 3.60 17.66
C PHE A 37 2.91 3.72 19.11
N LYS A 38 3.02 2.60 19.83
CA LYS A 38 2.67 2.59 21.24
C LYS A 38 3.71 3.40 22.00
N ARG A 39 3.26 4.28 22.90
CA ARG A 39 4.17 5.10 23.68
C ARG A 39 4.79 4.28 24.81
N GLN A 40 6.03 4.60 25.15
CA GLN A 40 6.73 3.88 26.21
C GLN A 40 6.04 4.06 27.55
N TYR A 41 5.56 5.28 27.81
CA TYR A 41 4.87 5.57 29.06
C TYR A 41 3.63 4.71 29.23
N LYS A 42 2.87 4.57 28.14
CA LYS A 42 1.65 3.78 28.19
C LYS A 42 1.73 2.62 27.19
N GLY A 1 -10.81 10.71 -31.18
CA GLY A 1 -10.55 9.66 -30.16
C GLY A 1 -9.52 10.16 -29.15
N GLU A 2 -9.69 11.39 -28.69
CA GLU A 2 -8.77 11.97 -27.72
C GLU A 2 -8.86 11.23 -26.40
N LYS A 3 -7.72 11.11 -25.71
CA LYS A 3 -7.70 10.42 -24.42
C LYS A 3 -7.12 11.33 -23.35
N TYR A 4 -7.65 11.20 -22.15
CA TYR A 4 -7.18 12.01 -21.03
C TYR A 4 -5.70 11.73 -20.78
N LYS A 5 -5.35 10.45 -20.79
CA LYS A 5 -3.97 10.03 -20.57
C LYS A 5 -3.51 9.10 -21.67
N VAL A 6 -2.25 9.21 -22.03
CA VAL A 6 -1.68 8.35 -23.07
C VAL A 6 -1.73 6.89 -22.63
N HIS A 7 -1.34 6.64 -21.38
CA HIS A 7 -1.34 5.29 -20.85
C HIS A 7 -2.51 5.09 -19.88
N ASN A 8 -3.30 4.04 -20.13
CA ASN A 8 -4.45 3.74 -19.28
C ASN A 8 -4.58 2.23 -19.06
N PRO A 9 -3.50 1.59 -18.71
CA PRO A 9 -3.46 0.12 -18.47
C PRO A 9 -4.37 -0.26 -17.30
N THR A 10 -4.94 -1.46 -17.38
CA THR A 10 -5.82 -1.94 -16.33
C THR A 10 -5.10 -2.83 -15.30
N PRO A 11 -4.30 -3.77 -15.75
CA PRO A 11 -3.61 -4.74 -14.85
C PRO A 11 -2.48 -4.16 -14.01
N LEU A 12 -2.04 -2.98 -14.43
CA LEU A 12 -0.95 -2.29 -13.76
C LEU A 12 -1.41 -1.43 -12.59
N ILE A 13 -2.49 -0.66 -12.74
CA ILE A 13 -2.98 0.12 -11.60
C ILE A 13 -3.58 -0.83 -10.56
N VAL A 14 -4.38 -1.78 -11.02
CA VAL A 14 -5.03 -2.74 -10.13
C VAL A 14 -4.01 -3.70 -9.50
N GLY A 15 -3.00 -4.03 -10.29
CA GLY A 15 -1.94 -4.91 -9.81
C GLY A 15 -0.97 -4.14 -8.91
N SER A 16 -0.68 -2.92 -9.28
CA SER A 16 0.23 -2.07 -8.50
C SER A 16 -0.42 -1.54 -7.21
N SER A 17 -1.69 -1.15 -7.33
CA SER A 17 -2.41 -0.58 -6.19
C SER A 17 -2.48 -1.54 -4.99
N ILE A 18 -2.67 -2.83 -5.23
CA ILE A 18 -2.75 -3.76 -4.11
C ILE A 18 -1.42 -3.78 -3.37
N GLY A 19 -0.36 -3.56 -4.13
CA GLY A 19 0.96 -3.53 -3.54
C GLY A 19 1.00 -2.41 -2.49
N GLY A 20 0.39 -1.27 -2.78
CA GLY A 20 0.39 -0.21 -1.79
C GLY A 20 -0.24 -0.75 -0.50
N LEU A 21 -1.40 -1.41 -0.62
CA LEU A 21 -2.02 -2.03 0.56
C LEU A 21 -1.10 -3.15 1.01
N LEU A 22 -0.40 -3.89 0.17
CA LEU A 22 0.40 -5.00 0.70
C LEU A 22 1.44 -4.49 1.70
N LEU A 23 2.15 -3.48 1.23
CA LEU A 23 3.22 -2.85 2.02
C LEU A 23 2.70 -2.12 3.25
N LEU A 24 1.61 -1.40 3.06
CA LEU A 24 1.07 -0.61 4.16
C LEU A 24 0.65 -1.48 5.35
N ALA A 25 -0.07 -2.56 5.10
CA ALA A 25 -0.50 -3.43 6.18
C ALA A 25 0.70 -4.08 6.87
N LEU A 26 1.66 -4.54 6.06
CA LEU A 26 2.84 -5.20 6.63
C LEU A 26 3.65 -4.23 7.48
N ILE A 27 3.85 -3.01 6.96
CA ILE A 27 4.63 -2.03 7.70
C ILE A 27 3.94 -1.65 9.00
N THR A 28 2.63 -1.44 8.91
CA THR A 28 1.86 -1.06 10.07
C THR A 28 1.91 -2.14 11.14
N ALA A 29 1.75 -3.40 10.72
CA ALA A 29 1.80 -4.52 11.67
C ALA A 29 3.18 -4.62 12.32
N VAL A 30 4.22 -4.42 11.54
CA VAL A 30 5.56 -4.50 12.09
C VAL A 30 5.76 -3.41 13.14
N LEU A 31 5.31 -2.20 12.82
CA LEU A 31 5.47 -1.08 13.73
C LEU A 31 4.71 -1.33 15.04
N TYR A 32 3.50 -1.86 14.92
CA TYR A 32 2.69 -2.17 16.10
C TYR A 32 3.42 -3.19 16.98
N LYS A 33 3.95 -4.24 16.37
CA LYS A 33 4.64 -5.27 17.13
C LYS A 33 5.87 -4.70 17.84
N VAL A 34 6.63 -3.84 17.17
CA VAL A 34 7.83 -3.22 17.71
C VAL A 34 7.54 -2.18 18.79
N GLY A 35 6.29 -1.72 18.88
CA GLY A 35 5.95 -0.72 19.89
C GLY A 35 6.30 0.69 19.43
N PHE A 36 6.54 0.90 18.14
CA PHE A 36 6.90 2.24 17.66
C PHE A 36 5.83 3.27 17.99
N PHE A 37 4.56 2.93 17.73
CA PHE A 37 3.45 3.86 17.99
C PHE A 37 3.52 4.46 19.40
N LYS A 38 4.49 4.01 20.19
CA LYS A 38 4.66 4.53 21.55
C LYS A 38 4.88 6.04 21.49
N ARG A 39 5.73 6.47 20.56
CA ARG A 39 6.01 7.89 20.41
C ARG A 39 6.17 8.26 18.94
N GLN A 40 5.71 9.46 18.59
CA GLN A 40 5.79 9.96 17.22
C GLN A 40 7.24 10.15 16.79
N TYR A 41 8.09 10.66 17.69
CA TYR A 41 9.50 10.88 17.37
C TYR A 41 10.40 9.96 18.18
N LYS A 42 11.42 9.42 17.53
CA LYS A 42 12.36 8.54 18.20
C LYS A 42 13.06 9.28 19.34
N GLY A 1 -8.23 13.83 -21.23
CA GLY A 1 -8.94 13.43 -22.47
C GLY A 1 -7.93 12.95 -23.51
N GLU A 2 -6.65 12.96 -23.13
CA GLU A 2 -5.58 12.53 -24.03
C GLU A 2 -4.97 11.22 -23.54
N LYS A 3 -5.02 10.20 -24.39
CA LYS A 3 -4.48 8.89 -24.03
C LYS A 3 -3.04 8.76 -24.52
N TYR A 4 -2.59 9.70 -25.33
CA TYR A 4 -1.25 9.66 -25.86
C TYR A 4 -0.22 9.72 -24.73
N LYS A 5 -0.42 10.66 -23.80
CA LYS A 5 0.49 10.82 -22.67
C LYS A 5 0.50 9.57 -21.79
N VAL A 6 -0.69 9.03 -21.53
CA VAL A 6 -0.82 7.84 -20.69
C VAL A 6 -1.58 6.73 -21.42
N HIS A 7 -1.02 5.52 -21.39
CA HIS A 7 -1.66 4.38 -22.05
C HIS A 7 -2.98 4.05 -21.37
N ASN A 8 -2.99 4.12 -20.04
CA ASN A 8 -4.20 3.82 -19.28
C ASN A 8 -4.42 2.32 -19.16
N PRO A 9 -3.44 1.61 -18.68
CA PRO A 9 -3.50 0.13 -18.51
C PRO A 9 -4.43 -0.29 -17.36
N THR A 10 -4.93 -1.51 -17.44
CA THR A 10 -5.84 -2.04 -16.43
C THR A 10 -5.12 -2.86 -15.35
N PRO A 11 -4.37 -3.87 -15.74
CA PRO A 11 -3.69 -4.80 -14.79
C PRO A 11 -2.55 -4.20 -13.96
N LEU A 12 -2.09 -3.05 -14.42
CA LEU A 12 -0.99 -2.35 -13.75
C LEU A 12 -1.42 -1.44 -12.61
N ILE A 13 -2.47 -0.66 -12.81
CA ILE A 13 -2.94 0.18 -11.69
C ILE A 13 -3.58 -0.72 -10.63
N VAL A 14 -4.40 -1.66 -11.09
CA VAL A 14 -5.07 -2.57 -10.17
C VAL A 14 -4.11 -3.56 -9.52
N GLY A 15 -3.12 -3.99 -10.27
CA GLY A 15 -2.12 -4.91 -9.74
C GLY A 15 -1.13 -4.16 -8.83
N SER A 16 -0.77 -2.95 -9.25
CA SER A 16 0.15 -2.13 -8.45
C SER A 16 -0.54 -1.58 -7.20
N SER A 17 -1.81 -1.25 -7.35
CA SER A 17 -2.59 -0.71 -6.22
C SER A 17 -2.59 -1.68 -5.04
N ILE A 18 -2.66 -2.98 -5.31
CA ILE A 18 -2.65 -3.99 -4.24
C ILE A 18 -1.32 -3.90 -3.46
N GLY A 19 -0.26 -3.66 -4.23
CA GLY A 19 1.07 -3.60 -3.57
C GLY A 19 1.07 -2.46 -2.54
N GLY A 20 0.46 -1.32 -2.87
CA GLY A 20 0.45 -0.23 -1.90
C GLY A 20 -0.19 -0.76 -0.61
N LEU A 21 -1.33 -1.45 -0.73
CA LEU A 21 -1.95 -2.08 0.43
C LEU A 21 -0.96 -3.15 0.92
N LEU A 22 -0.21 -3.85 0.10
CA LEU A 22 0.65 -4.91 0.66
C LEU A 22 1.63 -4.34 1.66
N LEU A 23 2.30 -3.28 1.21
CA LEU A 23 3.32 -2.63 2.04
C LEU A 23 2.75 -1.93 3.26
N LEU A 24 1.64 -1.23 3.08
CA LEU A 24 1.08 -0.47 4.19
C LEU A 24 0.68 -1.36 5.37
N ALA A 25 -0.04 -2.45 5.11
CA ALA A 25 -0.48 -3.34 6.18
C ALA A 25 0.70 -4.01 6.89
N LEU A 26 1.63 -4.56 6.12
CA LEU A 26 2.77 -5.25 6.74
C LEU A 26 3.63 -4.29 7.57
N ILE A 27 3.91 -3.11 7.04
CA ILE A 27 4.73 -2.15 7.77
C ILE A 27 4.05 -1.71 9.06
N THR A 28 2.76 -1.41 8.96
CA THR A 28 1.99 -0.98 10.12
C THR A 28 1.99 -2.04 11.21
N ALA A 29 1.75 -3.30 10.82
CA ALA A 29 1.72 -4.39 11.77
C ALA A 29 3.10 -4.55 12.42
N VAL A 30 4.16 -4.44 11.64
CA VAL A 30 5.50 -4.57 12.19
C VAL A 30 5.77 -3.48 13.21
N LEU A 31 5.42 -2.25 12.87
CA LEU A 31 5.65 -1.12 13.76
C LEU A 31 4.88 -1.29 15.07
N TYR A 32 3.64 -1.75 14.95
CA TYR A 32 2.80 -1.97 16.13
C TYR A 32 3.44 -3.01 17.04
N LYS A 33 3.90 -4.12 16.45
CA LYS A 33 4.53 -5.17 17.23
C LYS A 33 5.79 -4.66 17.94
N VAL A 34 6.59 -3.85 17.24
CA VAL A 34 7.82 -3.29 17.79
C VAL A 34 7.53 -2.22 18.85
N GLY A 35 6.29 -1.75 18.93
CA GLY A 35 5.93 -0.74 19.92
C GLY A 35 6.27 0.67 19.44
N PHE A 36 6.56 0.85 18.16
CA PHE A 36 6.92 2.18 17.68
C PHE A 36 5.78 3.18 17.89
N PHE A 37 4.57 2.78 17.51
CA PHE A 37 3.40 3.64 17.69
C PHE A 37 2.96 3.75 19.14
N LYS A 38 3.06 2.63 19.85
CA LYS A 38 2.71 2.62 21.27
C LYS A 38 3.73 3.45 22.02
N ARG A 39 3.27 4.25 22.98
CA ARG A 39 4.15 5.11 23.75
C ARG A 39 5.16 4.29 24.54
N GLN A 40 4.71 3.18 25.11
CA GLN A 40 5.60 2.32 25.90
C GLN A 40 6.10 1.16 25.05
N TYR A 41 7.33 0.71 25.33
CA TYR A 41 7.92 -0.39 24.58
C TYR A 41 7.94 -1.67 25.42
N LYS A 42 7.56 -2.78 24.80
CA LYS A 42 7.53 -4.06 25.50
C LYS A 42 8.96 -4.52 25.82
N GLY A 1 -24.12 -2.77 -17.36
CA GLY A 1 -24.17 -2.08 -18.67
C GLY A 1 -22.96 -1.15 -18.80
N GLU A 2 -22.90 -0.43 -19.92
CA GLU A 2 -21.79 0.50 -20.16
C GLU A 2 -20.47 -0.12 -19.71
N LYS A 3 -19.85 -0.89 -20.60
CA LYS A 3 -18.58 -1.53 -20.29
C LYS A 3 -17.53 -1.19 -21.34
N TYR A 4 -16.27 -1.08 -20.91
CA TYR A 4 -15.20 -0.75 -21.84
C TYR A 4 -14.70 -2.01 -22.54
N LYS A 5 -14.47 -1.90 -23.85
CA LYS A 5 -14.00 -3.04 -24.63
C LYS A 5 -12.61 -3.48 -24.16
N VAL A 6 -11.75 -2.51 -23.89
CA VAL A 6 -10.39 -2.80 -23.43
C VAL A 6 -10.10 -2.12 -22.09
N HIS A 7 -9.54 -2.87 -21.16
CA HIS A 7 -9.20 -2.34 -19.84
C HIS A 7 -7.69 -2.19 -19.71
N ASN A 8 -7.25 -0.98 -19.33
CA ASN A 8 -5.83 -0.71 -19.19
C ASN A 8 -5.42 -0.59 -17.72
N PRO A 9 -6.21 0.09 -16.91
CA PRO A 9 -5.91 0.27 -15.46
C PRO A 9 -5.69 -1.06 -14.72
N THR A 10 -6.50 -2.07 -15.08
CA THR A 10 -6.45 -3.37 -14.40
C THR A 10 -5.03 -3.94 -14.26
N PRO A 11 -4.38 -4.27 -15.34
CA PRO A 11 -3.03 -4.88 -15.27
C PRO A 11 -2.02 -4.13 -14.38
N LEU A 12 -1.75 -2.89 -14.75
CA LEU A 12 -0.75 -2.08 -14.03
C LEU A 12 -1.28 -1.21 -12.89
N ILE A 13 -2.39 -0.51 -13.08
CA ILE A 13 -2.89 0.37 -12.00
C ILE A 13 -3.64 -0.40 -10.90
N VAL A 14 -4.25 -1.55 -11.17
CA VAL A 14 -4.90 -2.25 -10.05
C VAL A 14 -3.85 -3.05 -9.31
N GLY A 15 -3.18 -3.94 -10.03
CA GLY A 15 -2.18 -4.80 -9.42
C GLY A 15 -1.18 -4.02 -8.57
N SER A 16 -0.79 -2.84 -9.06
CA SER A 16 0.15 -2.00 -8.32
C SER A 16 -0.51 -1.39 -7.09
N SER A 17 -1.77 -1.01 -7.28
CA SER A 17 -2.52 -0.42 -6.18
C SER A 17 -2.61 -1.39 -5.00
N ILE A 18 -2.77 -2.67 -5.31
CA ILE A 18 -2.84 -3.70 -4.27
C ILE A 18 -1.53 -3.76 -3.50
N GLY A 19 -0.44 -3.70 -4.27
CA GLY A 19 0.89 -3.75 -3.66
C GLY A 19 1.02 -2.62 -2.64
N GLY A 20 0.55 -1.42 -2.96
CA GLY A 20 0.64 -0.34 -1.97
C GLY A 20 -0.03 -0.82 -0.69
N LEU A 21 -1.21 -1.43 -0.81
CA LEU A 21 -1.88 -2.00 0.35
C LEU A 21 -0.98 -3.15 0.84
N LEU A 22 -0.27 -3.92 0.01
CA LEU A 22 0.50 -5.02 0.58
C LEU A 22 1.53 -4.52 1.59
N LEU A 23 2.27 -3.51 1.13
CA LEU A 23 3.33 -2.92 1.93
C LEU A 23 2.83 -2.16 3.15
N LEU A 24 1.77 -1.37 2.95
CA LEU A 24 1.25 -0.55 4.04
C LEU A 24 0.80 -1.39 5.23
N ALA A 25 0.03 -2.44 4.97
CA ALA A 25 -0.46 -3.29 6.05
C ALA A 25 0.70 -4.00 6.76
N LEU A 26 1.65 -4.52 5.99
CA LEU A 26 2.77 -5.23 6.58
C LEU A 26 3.62 -4.30 7.44
N ILE A 27 3.90 -3.09 6.94
CA ILE A 27 4.71 -2.14 7.69
C ILE A 27 4.02 -1.71 8.99
N THR A 28 2.73 -1.42 8.87
CA THR A 28 1.94 -0.99 10.03
C THR A 28 1.93 -2.07 11.10
N ALA A 29 1.72 -3.33 10.70
CA ALA A 29 1.70 -4.42 11.66
C ALA A 29 3.07 -4.56 12.33
N VAL A 30 4.14 -4.41 11.56
CA VAL A 30 5.48 -4.52 12.12
C VAL A 30 5.71 -3.42 13.16
N LEU A 31 5.34 -2.20 12.80
CA LEU A 31 5.54 -1.06 13.69
C LEU A 31 4.76 -1.27 14.99
N TYR A 32 3.53 -1.74 14.87
CA TYR A 32 2.69 -2.00 16.04
C TYR A 32 3.34 -3.05 16.94
N LYS A 33 3.81 -4.12 16.34
CA LYS A 33 4.45 -5.19 17.09
C LYS A 33 5.71 -4.69 17.81
N VAL A 34 6.53 -3.89 17.14
CA VAL A 34 7.76 -3.36 17.71
C VAL A 34 7.49 -2.29 18.78
N GLY A 35 6.25 -1.81 18.86
CA GLY A 35 5.91 -0.81 19.87
C GLY A 35 6.24 0.61 19.40
N PHE A 36 6.50 0.81 18.12
CA PHE A 36 6.83 2.15 17.65
C PHE A 36 5.71 3.13 17.99
N PHE A 37 4.48 2.72 17.72
CA PHE A 37 3.32 3.57 18.00
C PHE A 37 3.42 4.21 19.39
N LYS A 38 4.35 3.72 20.21
CA LYS A 38 4.51 4.27 21.55
C LYS A 38 4.99 5.72 21.46
N ARG A 39 4.32 6.59 22.20
CA ARG A 39 4.67 8.01 22.21
C ARG A 39 6.05 8.23 22.84
N GLN A 40 6.33 7.46 23.89
CA GLN A 40 7.60 7.59 24.60
C GLN A 40 8.79 7.24 23.70
N TYR A 41 8.64 6.21 22.88
CA TYR A 41 9.73 5.81 22.00
C TYR A 41 10.09 6.95 21.04
N LYS A 42 9.08 7.56 20.45
CA LYS A 42 9.30 8.66 19.52
C LYS A 42 7.98 9.34 19.17
N GLY A 1 -8.04 7.12 -28.74
CA GLY A 1 -9.18 7.50 -29.61
C GLY A 1 -9.43 8.99 -29.48
N GLU A 2 -10.60 9.34 -28.96
CA GLU A 2 -10.93 10.75 -28.79
C GLU A 2 -10.03 11.39 -27.74
N LYS A 3 -9.67 12.65 -27.98
CA LYS A 3 -8.80 13.38 -27.08
C LYS A 3 -9.45 13.53 -25.71
N TYR A 4 -10.75 13.80 -25.69
CA TYR A 4 -11.44 13.99 -24.42
C TYR A 4 -11.34 12.74 -23.54
N LYS A 5 -11.58 11.58 -24.13
CA LYS A 5 -11.52 10.32 -23.38
C LYS A 5 -10.06 9.89 -23.13
N VAL A 6 -9.83 9.28 -21.97
CA VAL A 6 -8.50 8.81 -21.60
C VAL A 6 -8.49 7.29 -21.38
N HIS A 7 -7.52 6.61 -22.00
CA HIS A 7 -7.40 5.15 -21.84
C HIS A 7 -5.99 4.79 -21.42
N ASN A 8 -5.90 3.86 -20.49
CA ASN A 8 -4.61 3.42 -20.01
C ASN A 8 -4.69 1.95 -19.62
N PRO A 9 -3.61 1.39 -19.17
CA PRO A 9 -3.56 -0.05 -18.75
C PRO A 9 -4.50 -0.33 -17.56
N THR A 10 -5.13 -1.50 -17.56
CA THR A 10 -6.01 -1.88 -16.45
C THR A 10 -5.26 -2.74 -15.42
N PRO A 11 -4.57 -3.75 -15.89
CA PRO A 11 -3.84 -4.75 -15.03
C PRO A 11 -2.70 -4.18 -14.18
N LEU A 12 -2.22 -3.02 -14.60
CA LEU A 12 -1.08 -2.37 -13.94
C LEU A 12 -1.48 -1.49 -12.77
N ILE A 13 -2.49 -0.65 -12.91
CA ILE A 13 -2.92 0.13 -11.75
C ILE A 13 -3.56 -0.81 -10.72
N VAL A 14 -4.40 -1.71 -11.23
CA VAL A 14 -5.08 -2.67 -10.38
C VAL A 14 -4.13 -3.66 -9.73
N GLY A 15 -3.18 -4.13 -10.51
CA GLY A 15 -2.17 -5.07 -10.00
C GLY A 15 -1.17 -4.38 -9.08
N SER A 16 -0.75 -3.19 -9.48
CA SER A 16 0.21 -2.43 -8.66
C SER A 16 -0.42 -1.87 -7.38
N SER A 17 -1.66 -1.40 -7.49
CA SER A 17 -2.33 -0.81 -6.32
C SER A 17 -2.38 -1.77 -5.13
N ILE A 18 -2.51 -3.07 -5.36
CA ILE A 18 -2.57 -4.00 -4.23
C ILE A 18 -1.26 -3.95 -3.45
N GLY A 19 -0.19 -3.61 -4.17
CA GLY A 19 1.14 -3.51 -3.55
C GLY A 19 1.11 -2.40 -2.50
N GLY A 20 0.49 -1.27 -2.81
CA GLY A 20 0.43 -0.18 -1.83
C GLY A 20 -0.20 -0.73 -0.54
N LEU A 21 -1.34 -1.41 -0.66
CA LEU A 21 -1.97 -2.06 0.51
C LEU A 21 -0.99 -3.15 0.97
N LEU A 22 -0.24 -3.82 0.12
CA LEU A 22 0.60 -4.89 0.63
C LEU A 22 1.59 -4.37 1.66
N LEU A 23 2.28 -3.32 1.24
CA LEU A 23 3.31 -2.69 2.05
C LEU A 23 2.78 -1.96 3.27
N LEU A 24 1.70 -1.21 3.08
CA LEU A 24 1.16 -0.42 4.18
C LEU A 24 0.70 -1.29 5.35
N ALA A 25 -0.04 -2.36 5.07
CA ALA A 25 -0.51 -3.24 6.13
C ALA A 25 0.66 -3.92 6.82
N LEU A 26 1.61 -4.42 6.03
CA LEU A 26 2.78 -5.11 6.60
C LEU A 26 3.62 -4.15 7.45
N ILE A 27 3.87 -2.94 6.96
CA ILE A 27 4.66 -1.96 7.72
C ILE A 27 3.96 -1.59 9.02
N THR A 28 2.66 -1.37 8.92
CA THR A 28 1.86 -0.99 10.09
C THR A 28 1.89 -2.09 11.14
N ALA A 29 1.80 -3.33 10.71
CA ALA A 29 1.83 -4.44 11.66
C ALA A 29 3.19 -4.48 12.35
N VAL A 30 4.26 -4.23 11.58
CA VAL A 30 5.60 -4.25 12.15
C VAL A 30 5.72 -3.16 13.21
N LEU A 31 5.21 -1.98 12.89
CA LEU A 31 5.27 -0.86 13.81
C LEU A 31 4.54 -1.19 15.11
N TYR A 32 3.37 -1.80 14.98
CA TYR A 32 2.60 -2.17 16.17
C TYR A 32 3.36 -3.17 17.04
N LYS A 33 3.92 -4.20 16.41
CA LYS A 33 4.65 -5.23 17.13
C LYS A 33 5.90 -4.71 17.84
N VAL A 34 6.65 -3.81 17.21
CA VAL A 34 7.87 -3.29 17.85
C VAL A 34 7.56 -2.24 18.91
N GLY A 35 6.31 -1.79 19.01
CA GLY A 35 5.96 -0.81 20.02
C GLY A 35 6.28 0.62 19.58
N PHE A 36 6.54 0.84 18.28
CA PHE A 36 6.84 2.19 17.81
C PHE A 36 5.77 3.17 18.28
N PHE A 37 4.61 2.65 18.63
CA PHE A 37 3.52 3.47 19.14
C PHE A 37 3.91 4.01 20.51
N LYS A 38 4.63 3.18 21.26
CA LYS A 38 5.06 3.56 22.61
C LYS A 38 6.25 2.73 23.08
N ARG A 39 7.26 3.41 23.60
CA ARG A 39 8.46 2.73 24.08
C ARG A 39 8.16 1.80 25.25
N GLN A 40 7.31 2.23 26.16
CA GLN A 40 6.97 1.41 27.32
C GLN A 40 5.64 0.69 27.11
N TYR A 41 5.51 -0.49 27.72
CA TYR A 41 4.29 -1.29 27.60
C TYR A 41 3.47 -1.20 28.89
N LYS A 42 2.17 -0.98 28.76
CA LYS A 42 1.32 -0.89 29.94
C LYS A 42 -0.09 -1.36 29.62
N GLY A 1 6.46 2.64 -32.25
CA GLY A 1 6.35 4.13 -32.18
C GLY A 1 6.05 4.55 -30.75
N GLU A 2 4.85 4.27 -30.28
CA GLU A 2 4.48 4.64 -28.93
C GLU A 2 5.31 3.87 -27.91
N LYS A 3 5.76 4.57 -26.87
CA LYS A 3 6.56 3.96 -25.82
C LYS A 3 5.77 2.88 -25.08
N TYR A 4 4.50 3.16 -24.77
CA TYR A 4 3.67 2.20 -24.06
C TYR A 4 2.61 1.61 -25.01
N LYS A 5 2.40 0.30 -24.90
CA LYS A 5 1.39 -0.39 -25.74
C LYS A 5 -0.01 0.13 -25.46
N VAL A 6 -0.32 0.36 -24.18
CA VAL A 6 -1.63 0.86 -23.82
C VAL A 6 -1.48 2.16 -23.03
N HIS A 7 -2.25 3.16 -23.42
CA HIS A 7 -2.20 4.46 -22.77
C HIS A 7 -2.69 4.36 -21.32
N ASN A 8 -3.76 3.61 -21.10
CA ASN A 8 -4.34 3.46 -19.75
C ASN A 8 -4.45 1.99 -19.36
N PRO A 9 -3.36 1.38 -18.96
CA PRO A 9 -3.34 -0.05 -18.54
C PRO A 9 -4.25 -0.32 -17.33
N THR A 10 -4.86 -1.52 -17.28
CA THR A 10 -5.72 -1.90 -16.15
C THR A 10 -4.95 -2.74 -15.12
N PRO A 11 -4.19 -3.71 -15.60
CA PRO A 11 -3.40 -4.67 -14.72
C PRO A 11 -2.32 -4.01 -13.88
N LEU A 12 -1.91 -2.83 -14.31
CA LEU A 12 -0.85 -2.10 -13.64
C LEU A 12 -1.33 -1.23 -12.48
N ILE A 13 -2.43 -0.49 -12.66
CA ILE A 13 -2.92 0.32 -11.54
C ILE A 13 -3.59 -0.59 -10.48
N VAL A 14 -4.39 -1.54 -10.95
CA VAL A 14 -5.08 -2.48 -10.08
C VAL A 14 -4.10 -3.43 -9.40
N GLY A 15 -3.13 -3.91 -10.17
CA GLY A 15 -2.10 -4.79 -9.61
C GLY A 15 -1.15 -4.01 -8.68
N SER A 16 -0.83 -2.79 -9.09
CA SER A 16 0.05 -1.94 -8.28
C SER A 16 -0.67 -1.46 -7.03
N SER A 17 -1.96 -1.20 -7.21
CA SER A 17 -2.77 -0.73 -6.10
C SER A 17 -2.76 -1.75 -4.96
N ILE A 18 -2.85 -3.05 -5.29
CA ILE A 18 -2.84 -4.10 -4.27
C ILE A 18 -1.52 -4.09 -3.52
N GLY A 19 -0.44 -3.96 -4.29
CA GLY A 19 0.88 -3.93 -3.71
C GLY A 19 0.98 -2.81 -2.69
N GLY A 20 0.44 -1.64 -2.99
CA GLY A 20 0.51 -0.55 -2.01
C GLY A 20 -0.15 -1.05 -0.72
N LEU A 21 -1.31 -1.69 -0.84
CA LEU A 21 -1.95 -2.29 0.34
C LEU A 21 -1.02 -3.40 0.80
N LEU A 22 -0.29 -4.14 -0.03
CA LEU A 22 0.51 -5.23 0.53
C LEU A 22 1.54 -4.70 1.53
N LEU A 23 2.24 -3.66 1.05
CA LEU A 23 3.31 -3.02 1.81
C LEU A 23 2.83 -2.27 3.04
N LEU A 24 1.74 -1.51 2.87
CA LEU A 24 1.24 -0.71 3.98
C LEU A 24 0.82 -1.57 5.15
N ALA A 25 0.08 -2.65 4.91
CA ALA A 25 -0.37 -3.52 5.98
C ALA A 25 0.83 -4.15 6.69
N LEU A 26 1.81 -4.57 5.90
CA LEU A 26 3.00 -5.20 6.48
C LEU A 26 3.76 -4.21 7.36
N ILE A 27 3.95 -2.97 6.89
CA ILE A 27 4.67 -1.99 7.68
C ILE A 27 3.95 -1.66 8.98
N THR A 28 2.63 -1.48 8.87
CA THR A 28 1.82 -1.14 10.04
C THR A 28 1.89 -2.22 11.10
N ALA A 29 1.74 -3.47 10.70
CA ALA A 29 1.79 -4.57 11.66
C ALA A 29 3.17 -4.60 12.33
N VAL A 30 4.23 -4.39 11.55
CA VAL A 30 5.56 -4.40 12.14
C VAL A 30 5.71 -3.28 13.18
N LEU A 31 5.27 -2.07 12.83
CA LEU A 31 5.38 -0.93 13.74
C LEU A 31 4.63 -1.17 15.04
N TYR A 32 3.41 -1.72 14.91
CA TYR A 32 2.59 -2.01 16.09
C TYR A 32 3.31 -3.02 16.99
N LYS A 33 3.82 -4.09 16.39
CA LYS A 33 4.51 -5.12 17.15
C LYS A 33 5.75 -4.56 17.85
N VAL A 34 6.52 -3.73 17.17
CA VAL A 34 7.73 -3.13 17.72
C VAL A 34 7.42 -2.08 18.79
N GLY A 35 6.18 -1.63 18.90
CA GLY A 35 5.83 -0.63 19.91
C GLY A 35 6.23 0.78 19.46
N PHE A 36 6.53 0.97 18.19
CA PHE A 36 6.95 2.30 17.73
C PHE A 36 5.88 3.35 18.00
N PHE A 37 4.72 2.92 18.50
CA PHE A 37 3.64 3.85 18.77
C PHE A 37 3.77 4.48 20.15
N LYS A 38 4.75 4.03 20.93
CA LYS A 38 4.98 4.61 22.25
C LYS A 38 5.36 6.07 22.10
N ARG A 39 6.21 6.34 21.11
CA ARG A 39 6.65 7.69 20.86
C ARG A 39 5.45 8.57 20.50
N GLN A 40 4.57 8.04 19.65
CA GLN A 40 3.38 8.77 19.22
C GLN A 40 2.35 8.85 20.35
N TYR A 41 1.85 10.07 20.60
CA TYR A 41 0.85 10.27 21.65
C TYR A 41 -0.48 10.76 21.04
N LYS A 42 -1.58 10.19 21.53
CA LYS A 42 -2.89 10.57 21.03
C LYS A 42 -3.96 10.32 22.08
N GLY A 1 2.92 8.04 -16.88
CA GLY A 1 2.80 7.62 -15.46
C GLY A 1 2.29 8.78 -14.62
N GLU A 2 3.08 9.84 -14.55
CA GLU A 2 2.70 11.02 -13.79
C GLU A 2 1.48 11.70 -14.42
N LYS A 3 1.44 11.69 -15.75
CA LYS A 3 0.34 12.29 -16.48
C LYS A 3 -0.87 11.36 -16.48
N TYR A 4 -2.05 11.94 -16.35
CA TYR A 4 -3.28 11.16 -16.31
C TYR A 4 -3.86 10.99 -17.72
N LYS A 5 -4.22 9.74 -18.06
CA LYS A 5 -4.79 9.44 -19.38
C LYS A 5 -6.14 8.74 -19.23
N VAL A 6 -7.06 9.03 -20.15
CA VAL A 6 -8.38 8.39 -20.14
C VAL A 6 -8.22 6.89 -20.38
N HIS A 7 -7.38 6.55 -21.34
CA HIS A 7 -7.11 5.16 -21.68
C HIS A 7 -5.71 4.77 -21.24
N ASN A 8 -5.61 3.72 -20.44
CA ASN A 8 -4.32 3.26 -19.94
C ASN A 8 -4.42 1.81 -19.45
N PRO A 9 -3.34 1.22 -19.01
CA PRO A 9 -3.34 -0.19 -18.51
C PRO A 9 -4.26 -0.38 -17.30
N THR A 10 -4.92 -1.53 -17.24
CA THR A 10 -5.77 -1.84 -16.10
C THR A 10 -5.02 -2.69 -15.06
N PRO A 11 -4.31 -3.70 -15.53
CA PRO A 11 -3.55 -4.69 -14.66
C PRO A 11 -2.43 -4.11 -13.81
N LEU A 12 -1.93 -2.96 -14.24
CA LEU A 12 -0.82 -2.31 -13.56
C LEU A 12 -1.26 -1.41 -12.42
N ILE A 13 -2.31 -0.61 -12.63
CA ILE A 13 -2.79 0.22 -11.54
C ILE A 13 -3.45 -0.67 -10.50
N VAL A 14 -4.26 -1.60 -10.98
CA VAL A 14 -4.95 -2.53 -10.09
C VAL A 14 -3.97 -3.48 -9.39
N GLY A 15 -2.99 -3.96 -10.15
CA GLY A 15 -1.99 -4.84 -9.55
C GLY A 15 -1.05 -4.05 -8.63
N SER A 16 -0.71 -2.83 -9.05
CA SER A 16 0.17 -1.98 -8.24
C SER A 16 -0.57 -1.49 -6.99
N SER A 17 -1.86 -1.24 -7.18
CA SER A 17 -2.68 -0.77 -6.08
C SER A 17 -2.68 -1.76 -4.91
N ILE A 18 -2.73 -3.05 -5.22
CA ILE A 18 -2.72 -4.06 -4.16
C ILE A 18 -1.42 -4.00 -3.38
N GLY A 19 -0.34 -3.86 -4.13
CA GLY A 19 0.98 -3.79 -3.51
C GLY A 19 1.01 -2.67 -2.48
N GLY A 20 0.43 -1.52 -2.81
CA GLY A 20 0.43 -0.43 -1.84
C GLY A 20 -0.22 -0.96 -0.58
N LEU A 21 -1.35 -1.64 -0.70
CA LEU A 21 -1.98 -2.28 0.46
C LEU A 21 -1.00 -3.33 0.94
N LEU A 22 -0.23 -4.04 0.12
CA LEU A 22 0.62 -5.08 0.68
C LEU A 22 1.61 -4.50 1.69
N LEU A 23 2.28 -3.45 1.23
CA LEU A 23 3.30 -2.78 2.04
C LEU A 23 2.74 -2.05 3.25
N LEU A 24 1.64 -1.34 3.01
CA LEU A 24 1.02 -0.55 4.08
C LEU A 24 0.56 -1.41 5.25
N ALA A 25 -0.10 -2.52 4.96
CA ALA A 25 -0.58 -3.39 6.02
C ALA A 25 0.59 -4.07 6.73
N LEU A 26 1.53 -4.59 5.94
CA LEU A 26 2.67 -5.29 6.50
C LEU A 26 3.53 -4.36 7.35
N ILE A 27 3.83 -3.17 6.84
CA ILE A 27 4.69 -2.25 7.57
C ILE A 27 4.02 -1.76 8.85
N THR A 28 2.72 -1.43 8.76
CA THR A 28 1.98 -0.96 9.93
C THR A 28 1.96 -2.03 11.02
N ALA A 29 1.80 -3.28 10.61
CA ALA A 29 1.80 -4.38 11.57
C ALA A 29 3.15 -4.49 12.23
N VAL A 30 4.21 -4.31 11.47
CA VAL A 30 5.55 -4.40 12.02
C VAL A 30 5.77 -3.31 13.06
N LEU A 31 5.38 -2.09 12.71
CA LEU A 31 5.58 -0.97 13.63
C LEU A 31 4.81 -1.19 14.93
N TYR A 32 3.57 -1.68 14.81
CA TYR A 32 2.75 -1.94 15.98
C TYR A 32 3.42 -2.98 16.87
N LYS A 33 3.91 -4.04 16.24
CA LYS A 33 4.56 -5.12 16.98
C LYS A 33 5.82 -4.61 17.71
N VAL A 34 6.61 -3.77 17.07
CA VAL A 34 7.83 -3.24 17.66
C VAL A 34 7.53 -2.19 18.74
N GLY A 35 6.28 -1.74 18.82
CA GLY A 35 5.92 -0.75 19.84
C GLY A 35 6.25 0.67 19.39
N PHE A 36 6.50 0.88 18.11
CA PHE A 36 6.84 2.22 17.66
C PHE A 36 5.72 3.19 18.00
N PHE A 37 4.48 2.79 17.72
CA PHE A 37 3.32 3.63 18.01
C PHE A 37 3.43 4.23 19.42
N LYS A 38 4.30 3.63 20.23
CA LYS A 38 4.48 4.12 21.59
C LYS A 38 5.78 3.59 22.19
N ARG A 39 6.71 4.50 22.50
CA ARG A 39 7.98 4.10 23.11
C ARG A 39 7.75 3.58 24.53
N GLN A 40 8.41 2.47 24.85
CA GLN A 40 8.29 1.89 26.19
C GLN A 40 6.84 1.57 26.52
N TYR A 41 6.65 0.55 27.37
CA TYR A 41 5.32 0.13 27.78
C TYR A 41 5.11 0.45 29.25
N LYS A 42 3.93 0.97 29.58
CA LYS A 42 3.62 1.30 30.97
C LYS A 42 4.81 1.99 31.63
N GLY A 1 -12.33 -8.71 -14.44
CA GLY A 1 -11.66 -7.80 -15.41
C GLY A 1 -12.64 -7.47 -16.55
N GLU A 2 -13.14 -6.24 -16.56
CA GLU A 2 -14.06 -5.80 -17.60
C GLU A 2 -13.37 -5.76 -18.95
N LYS A 3 -12.12 -5.32 -18.96
CA LYS A 3 -11.35 -5.24 -20.19
C LYS A 3 -10.02 -5.98 -20.06
N TYR A 4 -9.58 -6.60 -21.15
CA TYR A 4 -8.32 -7.34 -21.15
C TYR A 4 -7.24 -6.56 -21.89
N LYS A 5 -7.54 -5.31 -22.20
CA LYS A 5 -6.58 -4.47 -22.92
C LYS A 5 -5.42 -4.08 -22.00
N VAL A 6 -4.22 -4.07 -22.56
CA VAL A 6 -3.02 -3.74 -21.81
C VAL A 6 -3.07 -2.29 -21.32
N HIS A 7 -3.54 -1.39 -22.19
CA HIS A 7 -3.61 0.02 -21.86
C HIS A 7 -4.50 0.26 -20.63
N ASN A 8 -5.63 -0.45 -20.57
CA ASN A 8 -6.55 -0.28 -19.46
C ASN A 8 -5.78 -0.20 -18.13
N PRO A 9 -6.36 0.43 -17.13
CA PRO A 9 -5.71 0.58 -15.79
C PRO A 9 -5.53 -0.74 -15.06
N THR A 10 -6.35 -1.72 -15.42
CA THR A 10 -6.34 -3.01 -14.72
C THR A 10 -4.96 -3.67 -14.55
N PRO A 11 -4.28 -4.06 -15.58
CA PRO A 11 -2.98 -4.76 -15.38
C PRO A 11 -2.00 -4.00 -14.47
N LEU A 12 -1.82 -2.71 -14.75
CA LEU A 12 -0.86 -1.90 -14.01
C LEU A 12 -1.40 -1.13 -12.79
N ILE A 13 -2.46 -0.33 -12.90
CA ILE A 13 -2.93 0.37 -11.70
C ILE A 13 -3.58 -0.56 -10.66
N VAL A 14 -4.43 -1.48 -11.10
CA VAL A 14 -5.11 -2.38 -10.18
C VAL A 14 -4.17 -3.37 -9.51
N GLY A 15 -3.23 -3.90 -10.28
CA GLY A 15 -2.25 -4.83 -9.72
C GLY A 15 -1.24 -4.12 -8.82
N SER A 16 -0.86 -2.91 -9.24
CA SER A 16 0.10 -2.10 -8.48
C SER A 16 -0.54 -1.50 -7.23
N SER A 17 -1.79 -1.07 -7.38
CA SER A 17 -2.49 -0.48 -6.25
C SER A 17 -2.58 -1.48 -5.09
N ILE A 18 -2.66 -2.77 -5.39
CA ILE A 18 -2.71 -3.79 -4.32
C ILE A 18 -1.40 -3.79 -3.54
N GLY A 19 -0.31 -3.65 -4.29
CA GLY A 19 1.00 -3.64 -3.63
C GLY A 19 1.04 -2.53 -2.59
N GLY A 20 0.51 -1.34 -2.89
CA GLY A 20 0.54 -0.29 -1.88
C GLY A 20 -0.11 -0.83 -0.61
N LEU A 21 -1.27 -1.48 -0.75
CA LEU A 21 -1.90 -2.11 0.40
C LEU A 21 -0.96 -3.22 0.88
N LEU A 22 -0.21 -3.96 0.05
CA LEU A 22 0.57 -5.05 0.65
C LEU A 22 1.58 -4.51 1.67
N LEU A 23 2.27 -3.48 1.22
CA LEU A 23 3.31 -2.85 2.03
C LEU A 23 2.79 -2.10 3.25
N LEU A 24 1.71 -1.35 3.04
CA LEU A 24 1.18 -0.53 4.12
C LEU A 24 0.74 -1.39 5.30
N ALA A 25 0.01 -2.47 5.04
CA ALA A 25 -0.46 -3.34 6.11
C ALA A 25 0.71 -4.03 6.81
N LEU A 26 1.67 -4.52 6.02
CA LEU A 26 2.82 -5.22 6.61
C LEU A 26 3.64 -4.26 7.47
N ILE A 27 3.91 -3.06 6.97
CA ILE A 27 4.71 -2.10 7.73
C ILE A 27 4.00 -1.69 9.03
N THR A 28 2.71 -1.42 8.91
CA THR A 28 1.92 -1.01 10.07
C THR A 28 1.92 -2.09 11.14
N ALA A 29 1.73 -3.35 10.74
CA ALA A 29 1.71 -4.45 11.69
C ALA A 29 3.08 -4.58 12.36
N VAL A 30 4.15 -4.43 11.59
CA VAL A 30 5.50 -4.53 12.16
C VAL A 30 5.73 -3.44 13.19
N LEU A 31 5.34 -2.22 12.85
CA LEU A 31 5.53 -1.09 13.74
C LEU A 31 4.76 -1.30 15.04
N TYR A 32 3.53 -1.78 14.91
CA TYR A 32 2.69 -2.05 16.08
C TYR A 32 3.35 -3.10 16.97
N LYS A 33 3.85 -4.17 16.35
CA LYS A 33 4.49 -5.23 17.11
C LYS A 33 5.72 -4.70 17.85
N VAL A 34 6.52 -3.86 17.20
CA VAL A 34 7.73 -3.32 17.81
C VAL A 34 7.42 -2.25 18.87
N GLY A 35 6.17 -1.80 18.95
CA GLY A 35 5.80 -0.79 19.93
C GLY A 35 6.20 0.61 19.46
N PHE A 36 6.48 0.79 18.17
CA PHE A 36 6.90 2.12 17.68
C PHE A 36 5.85 3.19 17.97
N PHE A 37 4.59 2.90 17.69
CA PHE A 37 3.51 3.87 17.93
C PHE A 37 3.58 4.46 19.34
N LYS A 38 4.49 3.90 20.17
CA LYS A 38 4.62 4.40 21.54
C LYS A 38 4.90 5.91 21.52
N ARG A 39 5.71 6.34 20.57
CA ARG A 39 6.06 7.75 20.46
C ARG A 39 4.83 8.59 20.12
N GLN A 40 3.97 8.07 19.24
CA GLN A 40 2.77 8.78 18.84
C GLN A 40 1.68 8.61 19.90
N TYR A 41 1.07 9.72 20.29
CA TYR A 41 0.00 9.68 21.29
C TYR A 41 -1.36 9.59 20.62
N LYS A 42 -2.16 8.61 21.03
CA LYS A 42 -3.49 8.43 20.45
C LYS A 42 -4.36 9.65 20.73
N GLY A 1 -13.45 4.60 -23.10
CA GLY A 1 -12.86 3.30 -22.68
C GLY A 1 -11.39 3.23 -23.11
N GLU A 2 -11.13 2.69 -24.31
CA GLU A 2 -9.77 2.58 -24.81
C GLU A 2 -9.61 3.43 -26.07
N LYS A 3 -8.61 4.31 -26.06
CA LYS A 3 -8.37 5.18 -27.21
C LYS A 3 -6.99 4.93 -27.80
N TYR A 4 -6.90 5.06 -29.11
CA TYR A 4 -5.62 4.85 -29.79
C TYR A 4 -4.59 5.87 -29.31
N LYS A 5 -5.01 7.14 -29.21
CA LYS A 5 -4.11 8.21 -28.79
C LYS A 5 -3.67 8.03 -27.34
N VAL A 6 -4.61 7.64 -26.49
CA VAL A 6 -4.31 7.43 -25.07
C VAL A 6 -4.65 6.00 -24.67
N HIS A 7 -3.71 5.37 -23.98
CA HIS A 7 -3.90 3.99 -23.54
C HIS A 7 -3.82 3.92 -22.02
N ASN A 8 -4.89 3.44 -21.40
CA ASN A 8 -4.94 3.31 -19.94
C ASN A 8 -4.92 1.83 -19.54
N PRO A 9 -3.78 1.31 -19.14
CA PRO A 9 -3.67 -0.11 -18.71
C PRO A 9 -4.57 -0.41 -17.51
N THR A 10 -5.17 -1.59 -17.46
CA THR A 10 -5.98 -1.98 -16.31
C THR A 10 -5.17 -2.83 -15.32
N PRO A 11 -4.47 -3.83 -15.84
CA PRO A 11 -3.66 -4.81 -15.04
C PRO A 11 -2.55 -4.20 -14.17
N LEU A 12 -2.07 -3.03 -14.59
CA LEU A 12 -0.98 -2.36 -13.87
C LEU A 12 -1.46 -1.48 -12.71
N ILE A 13 -2.52 -0.70 -12.87
CA ILE A 13 -2.99 0.10 -11.73
C ILE A 13 -3.62 -0.84 -10.69
N VAL A 14 -4.41 -1.79 -11.17
CA VAL A 14 -5.07 -2.74 -10.29
C VAL A 14 -4.06 -3.65 -9.58
N GLY A 15 -3.07 -4.09 -10.36
CA GLY A 15 -2.01 -4.95 -9.81
C GLY A 15 -1.06 -4.17 -8.89
N SER A 16 -0.71 -2.96 -9.31
CA SER A 16 0.19 -2.12 -8.52
C SER A 16 -0.51 -1.58 -7.27
N SER A 17 -1.79 -1.27 -7.43
CA SER A 17 -2.56 -0.73 -6.30
C SER A 17 -2.57 -1.71 -5.12
N ILE A 18 -2.58 -3.01 -5.43
CA ILE A 18 -2.57 -4.03 -4.38
C ILE A 18 -1.29 -3.92 -3.59
N GLY A 19 -0.21 -3.72 -4.33
CA GLY A 19 1.09 -3.60 -3.70
C GLY A 19 1.06 -2.46 -2.67
N GLY A 20 0.44 -1.32 -3.00
CA GLY A 20 0.41 -0.24 -2.01
C GLY A 20 -0.23 -0.79 -0.73
N LEU A 21 -1.34 -1.50 -0.85
CA LEU A 21 -1.96 -2.14 0.32
C LEU A 21 -0.96 -3.18 0.83
N LEU A 22 -0.19 -3.89 0.01
CA LEU A 22 0.68 -4.92 0.57
C LEU A 22 1.66 -4.34 1.58
N LEU A 23 2.32 -3.27 1.14
CA LEU A 23 3.31 -2.61 1.96
C LEU A 23 2.71 -1.90 3.18
N LEU A 24 1.60 -1.22 2.97
CA LEU A 24 1.01 -0.45 4.08
C LEU A 24 0.59 -1.33 5.27
N ALA A 25 -0.07 -2.47 5.00
CA ALA A 25 -0.50 -3.35 6.09
C ALA A 25 0.69 -4.00 6.81
N LEU A 26 1.67 -4.48 6.05
CA LEU A 26 2.84 -5.12 6.66
C LEU A 26 3.60 -4.12 7.52
N ILE A 27 3.78 -2.90 7.01
CA ILE A 27 4.51 -1.88 7.75
C ILE A 27 3.78 -1.53 9.05
N THR A 28 2.47 -1.38 8.95
CA THR A 28 1.69 -1.04 10.12
C THR A 28 1.81 -2.12 11.20
N ALA A 29 1.69 -3.40 10.79
CA ALA A 29 1.78 -4.51 11.75
C ALA A 29 3.15 -4.61 12.43
N VAL A 30 4.24 -4.47 11.68
CA VAL A 30 5.55 -4.58 12.31
C VAL A 30 5.76 -3.46 13.33
N LEU A 31 5.35 -2.26 12.98
CA LEU A 31 5.51 -1.13 13.86
C LEU A 31 4.75 -1.37 15.17
N TYR A 32 3.54 -1.91 15.05
CA TYR A 32 2.71 -2.22 16.22
C TYR A 32 3.42 -3.22 17.12
N LYS A 33 3.97 -4.26 16.52
CA LYS A 33 4.64 -5.29 17.29
C LYS A 33 5.88 -4.74 18.00
N VAL A 34 6.65 -3.86 17.34
CA VAL A 34 7.86 -3.28 17.92
C VAL A 34 7.54 -2.21 18.98
N GLY A 35 6.29 -1.75 19.04
CA GLY A 35 5.92 -0.74 20.04
C GLY A 35 6.31 0.66 19.57
N PHE A 36 6.61 0.83 18.29
CA PHE A 36 7.02 2.14 17.79
C PHE A 36 5.97 3.22 18.05
N PHE A 37 4.80 2.83 18.55
CA PHE A 37 3.73 3.80 18.79
C PHE A 37 3.82 4.44 20.18
N LYS A 38 4.79 4.00 20.99
CA LYS A 38 4.96 4.55 22.33
C LYS A 38 5.34 6.03 22.25
N ARG A 39 4.75 6.83 23.13
CA ARG A 39 5.04 8.27 23.15
C ARG A 39 6.51 8.52 23.52
N GLN A 40 7.02 7.76 24.47
CA GLN A 40 8.40 7.91 24.90
C GLN A 40 9.25 6.74 24.40
N TYR A 41 10.41 7.07 23.83
CA TYR A 41 11.31 6.05 23.32
C TYR A 41 11.77 5.13 24.44
N LYS A 42 12.09 5.71 25.59
CA LYS A 42 12.56 4.94 26.74
C LYS A 42 11.80 5.33 28.00
N GLY A 1 -29.32 -0.74 -11.94
CA GLY A 1 -28.61 -1.31 -13.12
C GLY A 1 -27.43 -0.41 -13.47
N GLU A 2 -27.10 0.51 -12.57
CA GLU A 2 -26.01 1.44 -12.81
C GLU A 2 -24.88 1.23 -11.79
N LYS A 3 -23.68 0.98 -12.30
CA LYS A 3 -22.52 0.76 -11.44
C LYS A 3 -21.43 1.79 -11.71
N TYR A 4 -20.74 2.18 -10.65
CA TYR A 4 -19.68 3.16 -10.75
C TYR A 4 -18.48 2.56 -11.47
N LYS A 5 -17.90 3.31 -12.40
CA LYS A 5 -16.75 2.81 -13.14
C LYS A 5 -15.45 3.47 -12.63
N VAL A 6 -14.36 2.73 -12.73
CA VAL A 6 -13.05 3.21 -12.28
C VAL A 6 -12.05 3.16 -13.43
N HIS A 7 -11.29 4.24 -13.62
CA HIS A 7 -10.29 4.28 -14.69
C HIS A 7 -9.16 3.28 -14.46
N ASN A 8 -8.69 3.19 -13.22
CA ASN A 8 -7.59 2.29 -12.86
C ASN A 8 -7.63 1.00 -13.68
N PRO A 9 -6.85 0.90 -14.74
CA PRO A 9 -6.83 -0.33 -15.59
C PRO A 9 -6.41 -1.59 -14.80
N THR A 10 -7.04 -2.71 -15.13
CA THR A 10 -6.82 -3.99 -14.45
C THR A 10 -5.35 -4.43 -14.32
N PRO A 11 -4.57 -4.36 -15.37
CA PRO A 11 -3.14 -4.84 -15.34
C PRO A 11 -2.14 -4.07 -14.45
N LEU A 12 -1.91 -2.80 -14.78
CA LEU A 12 -0.88 -1.99 -14.09
C LEU A 12 -1.32 -1.12 -12.89
N ILE A 13 -2.30 -0.22 -13.00
CA ILE A 13 -2.65 0.57 -11.79
C ILE A 13 -3.34 -0.30 -10.75
N VAL A 14 -4.24 -1.12 -11.22
CA VAL A 14 -5.00 -2.00 -10.34
C VAL A 14 -4.11 -3.04 -9.65
N GLY A 15 -3.19 -3.62 -10.41
CA GLY A 15 -2.27 -4.59 -9.85
C GLY A 15 -1.24 -3.90 -8.93
N SER A 16 -0.79 -2.73 -9.36
CA SER A 16 0.18 -1.97 -8.57
C SER A 16 -0.46 -1.36 -7.33
N SER A 17 -1.71 -0.92 -7.48
CA SER A 17 -2.42 -0.33 -6.36
C SER A 17 -2.52 -1.30 -5.17
N ILE A 18 -2.65 -2.59 -5.46
CA ILE A 18 -2.73 -3.61 -4.42
C ILE A 18 -1.42 -3.65 -3.62
N GLY A 19 -0.32 -3.57 -4.37
CA GLY A 19 0.99 -3.60 -3.76
C GLY A 19 1.08 -2.48 -2.75
N GLY A 20 0.60 -1.29 -3.08
CA GLY A 20 0.66 -0.21 -2.10
C GLY A 20 -0.01 -0.70 -0.83
N LEU A 21 -1.17 -1.34 -0.95
CA LEU A 21 -1.84 -1.93 0.22
C LEU A 21 -0.93 -3.05 0.72
N LEU A 22 -0.21 -3.83 -0.08
CA LEU A 22 0.56 -4.94 0.49
C LEU A 22 1.57 -4.44 1.52
N LEU A 23 2.33 -3.45 1.08
CA LEU A 23 3.37 -2.88 1.92
C LEU A 23 2.84 -2.15 3.15
N LEU A 24 1.79 -1.37 2.97
CA LEU A 24 1.28 -0.58 4.08
C LEU A 24 0.80 -1.43 5.26
N ALA A 25 0.05 -2.51 4.99
CA ALA A 25 -0.47 -3.36 6.07
C ALA A 25 0.67 -4.09 6.79
N LEU A 26 1.58 -4.69 6.03
CA LEU A 26 2.67 -5.42 6.68
C LEU A 26 3.56 -4.50 7.51
N ILE A 27 3.90 -3.34 6.98
CA ILE A 27 4.76 -2.41 7.69
C ILE A 27 4.09 -1.92 8.97
N THR A 28 2.80 -1.58 8.86
CA THR A 28 2.05 -1.10 10.02
C THR A 28 2.01 -2.16 11.12
N ALA A 29 1.84 -3.42 10.74
CA ALA A 29 1.82 -4.50 11.72
C ALA A 29 3.17 -4.56 12.42
N VAL A 30 4.24 -4.36 11.68
CA VAL A 30 5.57 -4.39 12.28
C VAL A 30 5.73 -3.27 13.31
N LEU A 31 5.30 -2.06 12.96
CA LEU A 31 5.42 -0.93 13.88
C LEU A 31 4.64 -1.22 15.18
N TYR A 32 3.44 -1.78 15.03
CA TYR A 32 2.61 -2.12 16.19
C TYR A 32 3.29 -3.15 17.10
N LYS A 33 3.84 -4.20 16.49
CA LYS A 33 4.51 -5.26 17.23
C LYS A 33 5.75 -4.75 17.97
N VAL A 34 6.56 -3.89 17.37
CA VAL A 34 7.77 -3.41 18.04
C VAL A 34 7.47 -2.31 19.06
N GLY A 35 6.22 -1.83 19.10
CA GLY A 35 5.84 -0.78 20.05
C GLY A 35 6.23 0.63 19.58
N PHE A 36 6.49 0.84 18.30
CA PHE A 36 6.88 2.17 17.85
C PHE A 36 5.80 3.20 18.19
N PHE A 37 4.55 2.86 17.92
CA PHE A 37 3.42 3.76 18.20
C PHE A 37 3.54 4.41 19.58
N LYS A 38 4.45 3.93 20.40
CA LYS A 38 4.63 4.51 21.72
C LYS A 38 5.15 5.94 21.57
N ARG A 39 4.63 6.86 22.38
CA ARG A 39 5.03 8.26 22.29
C ARG A 39 5.45 8.83 23.64
N GLN A 40 6.65 9.40 23.68
CA GLN A 40 7.17 9.98 24.91
C GLN A 40 7.22 8.98 26.07
N TYR A 41 6.49 7.88 25.99
CA TYR A 41 6.50 6.90 27.08
C TYR A 41 7.92 6.34 27.27
N LYS A 42 8.57 5.97 26.16
CA LYS A 42 9.93 5.43 26.21
C LYS A 42 10.71 5.81 24.95
N GLY A 1 -1.63 -7.36 -26.87
CA GLY A 1 -2.44 -6.19 -27.31
C GLY A 1 -2.50 -5.18 -26.17
N GLU A 2 -2.56 -5.70 -24.95
CA GLU A 2 -2.61 -4.86 -23.77
C GLU A 2 -1.32 -4.08 -23.58
N LYS A 3 -0.22 -4.73 -23.93
CA LYS A 3 1.09 -4.10 -23.78
C LYS A 3 1.23 -2.85 -24.67
N TYR A 4 0.73 -2.95 -25.91
CA TYR A 4 0.81 -1.83 -26.85
C TYR A 4 0.04 -0.62 -26.31
N LYS A 5 -1.13 -0.87 -25.74
CA LYS A 5 -1.94 0.22 -25.19
C LYS A 5 -1.30 0.79 -23.93
N VAL A 6 -1.12 2.10 -23.91
CA VAL A 6 -0.53 2.77 -22.75
C VAL A 6 -1.38 3.97 -22.32
N HIS A 7 -2.52 4.16 -23.00
CA HIS A 7 -3.42 5.27 -22.66
C HIS A 7 -3.99 5.10 -21.26
N ASN A 8 -4.37 3.87 -20.91
CA ASN A 8 -4.94 3.59 -19.61
C ASN A 8 -4.94 2.09 -19.34
N PRO A 9 -3.80 1.56 -18.97
CA PRO A 9 -3.65 0.09 -18.70
C PRO A 9 -4.55 -0.35 -17.56
N THR A 10 -5.02 -1.58 -17.63
CA THR A 10 -5.91 -2.13 -16.61
C THR A 10 -5.17 -2.91 -15.51
N PRO A 11 -4.34 -3.85 -15.90
CA PRO A 11 -3.62 -4.76 -14.95
C PRO A 11 -2.50 -4.14 -14.12
N LEU A 12 -2.07 -2.96 -14.55
CA LEU A 12 -0.96 -2.28 -13.88
C LEU A 12 -1.42 -1.39 -12.75
N ILE A 13 -2.49 -0.63 -12.93
CA ILE A 13 -2.98 0.16 -11.83
C ILE A 13 -3.60 -0.77 -10.79
N VAL A 14 -4.38 -1.73 -11.27
CA VAL A 14 -5.03 -2.70 -10.39
C VAL A 14 -4.01 -3.61 -9.71
N GLY A 15 -3.03 -4.06 -10.48
CA GLY A 15 -1.98 -4.92 -9.92
C GLY A 15 -1.06 -4.12 -9.00
N SER A 16 -0.78 -2.88 -9.37
CA SER A 16 0.08 -2.01 -8.57
C SER A 16 -0.61 -1.50 -7.29
N SER A 17 -1.89 -1.18 -7.43
CA SER A 17 -2.65 -0.65 -6.30
C SER A 17 -2.70 -1.60 -5.11
N ILE A 18 -2.82 -2.91 -5.35
CA ILE A 18 -2.88 -3.87 -4.25
C ILE A 18 -1.55 -3.90 -3.48
N GLY A 19 -0.47 -3.75 -4.24
CA GLY A 19 0.85 -3.76 -3.63
C GLY A 19 0.93 -2.62 -2.61
N GLY A 20 0.41 -1.45 -2.94
CA GLY A 20 0.46 -0.36 -1.98
C GLY A 20 -0.21 -0.83 -0.69
N LEU A 21 -1.36 -1.48 -0.80
CA LEU A 21 -2.01 -2.06 0.37
C LEU A 21 -1.08 -3.15 0.86
N LEU A 22 -0.35 -3.89 0.04
CA LEU A 22 0.46 -4.97 0.62
C LEU A 22 1.48 -4.44 1.61
N LEU A 23 2.20 -3.43 1.15
CA LEU A 23 3.25 -2.82 1.95
C LEU A 23 2.72 -2.10 3.19
N LEU A 24 1.64 -1.35 3.02
CA LEU A 24 1.12 -0.57 4.13
C LEU A 24 0.71 -1.42 5.33
N ALA A 25 0.01 -2.54 5.09
CA ALA A 25 -0.42 -3.41 6.18
C ALA A 25 0.78 -4.01 6.91
N LEU A 26 1.74 -4.53 6.17
CA LEU A 26 2.91 -5.15 6.79
C LEU A 26 3.72 -4.16 7.65
N ILE A 27 3.96 -2.96 7.14
CA ILE A 27 4.75 -2.00 7.92
C ILE A 27 4.05 -1.60 9.21
N THR A 28 2.75 -1.35 9.12
CA THR A 28 1.98 -0.94 10.29
C THR A 28 2.00 -2.01 11.36
N ALA A 29 1.78 -3.27 10.95
CA ALA A 29 1.78 -4.38 11.89
C ALA A 29 3.16 -4.52 12.53
N VAL A 30 4.21 -4.42 11.75
CA VAL A 30 5.56 -4.54 12.29
C VAL A 30 5.83 -3.45 13.32
N LEU A 31 5.49 -2.22 12.96
CA LEU A 31 5.72 -1.08 13.84
C LEU A 31 4.95 -1.22 15.16
N TYR A 32 3.69 -1.65 15.05
CA TYR A 32 2.84 -1.84 16.24
C TYR A 32 3.46 -2.90 17.14
N LYS A 33 3.91 -4.00 16.55
CA LYS A 33 4.51 -5.08 17.31
C LYS A 33 5.78 -4.61 18.02
N VAL A 34 6.61 -3.82 17.34
CA VAL A 34 7.86 -3.32 17.93
C VAL A 34 7.60 -2.24 18.98
N GLY A 35 6.36 -1.78 19.09
CA GLY A 35 6.02 -0.76 20.08
C GLY A 35 6.36 0.64 19.60
N PHE A 36 6.65 0.82 18.32
CA PHE A 36 7.01 2.16 17.85
C PHE A 36 5.87 3.14 18.11
N PHE A 37 4.65 2.74 17.75
CA PHE A 37 3.46 3.57 17.94
C PHE A 37 3.01 3.69 19.41
N LYS A 38 3.11 2.57 20.12
CA LYS A 38 2.75 2.59 21.54
C LYS A 38 3.78 3.42 22.30
N ARG A 39 3.28 4.32 23.14
CA ARG A 39 4.14 5.18 23.96
C ARG A 39 4.73 4.41 25.14
N GLN A 40 5.96 4.73 25.51
CA GLN A 40 6.63 4.09 26.63
C GLN A 40 7.35 5.12 27.49
N TYR A 41 7.55 4.80 28.76
CA TYR A 41 8.22 5.71 29.67
C TYR A 41 9.05 4.94 30.68
N LYS A 42 10.01 5.62 31.31
CA LYS A 42 10.88 4.99 32.30
C LYS A 42 10.98 5.85 33.54
N GLY A 1 -16.66 12.06 -17.98
CA GLY A 1 -17.10 11.04 -16.98
C GLY A 1 -16.11 9.88 -16.97
N GLU A 2 -15.79 9.39 -15.78
CA GLU A 2 -14.86 8.26 -15.65
C GLU A 2 -15.50 7.02 -16.24
N LYS A 3 -14.69 6.21 -16.93
CA LYS A 3 -15.19 5.00 -17.56
C LYS A 3 -14.39 3.78 -17.12
N TYR A 4 -15.07 2.64 -16.99
CA TYR A 4 -14.40 1.41 -16.56
C TYR A 4 -13.31 1.03 -17.55
N LYS A 5 -13.67 1.04 -18.83
CA LYS A 5 -12.71 0.70 -19.88
C LYS A 5 -11.62 1.77 -19.94
N VAL A 6 -10.36 1.34 -20.04
CA VAL A 6 -9.24 2.26 -20.10
C VAL A 6 -8.32 1.96 -21.29
N HIS A 7 -7.88 3.01 -21.97
CA HIS A 7 -6.99 2.83 -23.12
C HIS A 7 -5.67 2.23 -22.68
N ASN A 8 -5.12 2.74 -21.59
CA ASN A 8 -3.85 2.24 -21.07
C ASN A 8 -4.03 0.82 -20.53
N PRO A 9 -2.98 0.23 -20.02
CA PRO A 9 -3.04 -1.17 -19.46
C PRO A 9 -3.96 -1.27 -18.24
N THR A 10 -4.58 -2.43 -18.11
CA THR A 10 -5.51 -2.66 -17.02
C THR A 10 -4.85 -3.20 -15.75
N PRO A 11 -4.05 -4.24 -15.85
CA PRO A 11 -3.41 -4.86 -14.65
C PRO A 11 -2.62 -3.85 -13.82
N LEU A 12 -1.78 -3.12 -14.52
CA LEU A 12 -0.79 -2.24 -13.87
C LEU A 12 -1.36 -1.27 -12.83
N ILE A 13 -2.48 -0.63 -13.14
CA ILE A 13 -3.11 0.23 -12.14
C ILE A 13 -3.71 -0.65 -11.04
N VAL A 14 -4.36 -1.74 -11.42
CA VAL A 14 -4.93 -2.63 -10.40
C VAL A 14 -3.79 -3.31 -9.63
N GLY A 15 -3.08 -4.19 -10.30
CA GLY A 15 -2.01 -4.94 -9.65
C GLY A 15 -1.10 -4.06 -8.79
N SER A 16 -0.88 -2.83 -9.20
CA SER A 16 -0.03 -1.91 -8.42
C SER A 16 -0.73 -1.44 -7.15
N SER A 17 -2.02 -1.18 -7.29
CA SER A 17 -2.81 -0.68 -6.16
C SER A 17 -2.81 -1.65 -4.97
N ILE A 18 -2.94 -2.95 -5.23
CA ILE A 18 -2.98 -3.90 -4.12
C ILE A 18 -1.65 -3.90 -3.38
N GLY A 19 -0.59 -3.72 -4.15
CA GLY A 19 0.75 -3.69 -3.58
C GLY A 19 0.86 -2.56 -2.54
N GLY A 20 0.32 -1.37 -2.82
CA GLY A 20 0.40 -0.31 -1.83
C GLY A 20 -0.21 -0.85 -0.54
N LEU A 21 -1.37 -1.49 -0.65
CA LEU A 21 -2.00 -2.12 0.51
C LEU A 21 -1.06 -3.25 0.96
N LEU A 22 -0.33 -3.97 0.12
CA LEU A 22 0.47 -5.06 0.67
C LEU A 22 1.47 -4.52 1.67
N LEU A 23 2.16 -3.48 1.22
CA LEU A 23 3.20 -2.83 2.00
C LEU A 23 2.68 -2.10 3.24
N LEU A 24 1.59 -1.36 3.09
CA LEU A 24 1.09 -0.59 4.21
C LEU A 24 0.69 -1.47 5.39
N ALA A 25 -0.04 -2.54 5.12
CA ALA A 25 -0.46 -3.45 6.19
C ALA A 25 0.73 -4.09 6.88
N LEU A 26 1.68 -4.58 6.09
CA LEU A 26 2.86 -5.23 6.69
C LEU A 26 3.68 -4.26 7.55
N ILE A 27 3.90 -3.06 7.04
CA ILE A 27 4.69 -2.06 7.77
C ILE A 27 4.01 -1.67 9.08
N THR A 28 2.70 -1.45 9.00
CA THR A 28 1.90 -1.05 10.15
C THR A 28 1.96 -2.13 11.23
N ALA A 29 1.81 -3.39 10.83
CA ALA A 29 1.84 -4.50 11.78
C ALA A 29 3.22 -4.57 12.43
N VAL A 30 4.29 -4.35 11.66
CA VAL A 30 5.64 -4.39 12.21
C VAL A 30 5.81 -3.29 13.25
N LEU A 31 5.37 -2.09 12.92
CA LEU A 31 5.51 -0.97 13.83
C LEU A 31 4.77 -1.23 15.14
N TYR A 32 3.56 -1.78 15.00
CA TYR A 32 2.75 -2.12 16.17
C TYR A 32 3.47 -3.12 17.06
N LYS A 33 3.97 -4.18 16.46
CA LYS A 33 4.65 -5.23 17.22
C LYS A 33 5.90 -4.69 17.90
N VAL A 34 6.67 -3.83 17.24
CA VAL A 34 7.89 -3.27 17.80
C VAL A 34 7.59 -2.22 18.87
N GLY A 35 6.36 -1.77 18.97
CA GLY A 35 6.01 -0.77 19.99
C GLY A 35 6.35 0.64 19.53
N PHE A 36 6.60 0.85 18.24
CA PHE A 36 6.95 2.20 17.78
C PHE A 36 5.85 3.20 18.13
N PHE A 37 4.59 2.82 17.87
CA PHE A 37 3.48 3.71 18.20
C PHE A 37 3.64 4.32 19.60
N LYS A 38 4.58 3.76 20.37
CA LYS A 38 4.84 4.24 21.72
C LYS A 38 3.65 3.96 22.64
N ARG A 39 2.96 2.85 22.38
CA ARG A 39 1.80 2.46 23.19
C ARG A 39 2.21 2.19 24.63
N GLN A 40 3.32 1.48 24.81
CA GLN A 40 3.79 1.13 26.15
C GLN A 40 4.44 2.35 26.82
N TYR A 41 4.05 2.59 28.07
CA TYR A 41 4.61 3.70 28.83
C TYR A 41 5.50 3.19 29.94
N LYS A 42 6.68 3.78 30.08
CA LYS A 42 7.63 3.37 31.11
C LYS A 42 6.99 3.51 32.49
N GLY A 1 8.24 1.40 -20.66
CA GLY A 1 7.44 1.35 -21.92
C GLY A 1 7.42 2.73 -22.57
N GLU A 2 8.59 3.35 -22.70
CA GLU A 2 8.68 4.67 -23.31
C GLU A 2 8.34 4.61 -24.79
N LYS A 3 8.77 3.55 -25.46
CA LYS A 3 8.52 3.38 -26.88
C LYS A 3 7.02 3.28 -27.18
N TYR A 4 6.29 2.55 -26.33
CA TYR A 4 4.86 2.36 -26.52
C TYR A 4 4.07 3.13 -25.46
N LYS A 5 2.97 3.76 -25.88
CA LYS A 5 2.13 4.52 -24.96
C LYS A 5 0.68 4.10 -25.09
N VAL A 6 -0.05 4.12 -23.98
CA VAL A 6 -1.46 3.75 -24.00
C VAL A 6 -2.28 4.76 -23.21
N HIS A 7 -3.59 4.76 -23.42
CA HIS A 7 -4.47 5.69 -22.72
C HIS A 7 -4.41 5.45 -21.21
N ASN A 8 -4.39 4.19 -20.81
CA ASN A 8 -4.33 3.84 -19.39
C ASN A 8 -4.44 2.32 -19.19
N PRO A 9 -3.45 1.65 -18.63
CA PRO A 9 -3.51 0.17 -18.41
C PRO A 9 -4.42 -0.18 -17.23
N THR A 10 -5.02 -1.37 -17.24
CA THR A 10 -5.86 -1.78 -16.12
C THR A 10 -5.07 -2.66 -15.14
N PRO A 11 -4.38 -3.66 -15.66
CA PRO A 11 -3.59 -4.65 -14.86
C PRO A 11 -2.45 -4.08 -14.01
N LEU A 12 -1.96 -2.92 -14.45
CA LEU A 12 -0.85 -2.25 -13.77
C LEU A 12 -1.30 -1.36 -12.62
N ILE A 13 -2.40 -0.62 -12.77
CA ILE A 13 -2.86 0.17 -11.63
C ILE A 13 -3.53 -0.75 -10.60
N VAL A 14 -4.31 -1.70 -11.09
CA VAL A 14 -4.99 -2.66 -10.22
C VAL A 14 -3.99 -3.60 -9.54
N GLY A 15 -3.02 -4.04 -10.31
CA GLY A 15 -1.98 -4.91 -9.77
C GLY A 15 -1.03 -4.14 -8.86
N SER A 16 -0.72 -2.90 -9.24
CA SER A 16 0.17 -2.09 -8.41
C SER A 16 -0.53 -1.57 -7.16
N SER A 17 -1.81 -1.26 -7.31
CA SER A 17 -2.54 -0.71 -6.18
C SER A 17 -2.61 -1.69 -4.99
N ILE A 18 -2.69 -3.00 -5.24
CA ILE A 18 -2.77 -3.95 -4.13
C ILE A 18 -1.46 -3.96 -3.36
N GLY A 19 -0.38 -3.81 -4.12
CA GLY A 19 0.93 -3.77 -3.51
C GLY A 19 0.94 -2.65 -2.49
N GLY A 20 0.38 -1.48 -2.81
CA GLY A 20 0.36 -0.41 -1.82
C GLY A 20 -0.28 -0.94 -0.56
N LEU A 21 -1.41 -1.62 -0.69
CA LEU A 21 -2.04 -2.26 0.45
C LEU A 21 -1.09 -3.34 0.94
N LEU A 22 -0.34 -4.06 0.12
CA LEU A 22 0.48 -5.12 0.69
C LEU A 22 1.48 -4.56 1.70
N LEU A 23 2.18 -3.53 1.24
CA LEU A 23 3.23 -2.87 2.04
C LEU A 23 2.67 -2.10 3.24
N LEU A 24 1.58 -1.40 3.01
CA LEU A 24 1.01 -0.57 4.06
C LEU A 24 0.58 -1.41 5.25
N ALA A 25 -0.11 -2.52 5.00
CA ALA A 25 -0.56 -3.38 6.10
C ALA A 25 0.63 -4.03 6.82
N LEU A 26 1.59 -4.51 6.03
CA LEU A 26 2.78 -5.18 6.60
C LEU A 26 3.64 -4.24 7.44
N ILE A 27 3.93 -3.05 6.91
CA ILE A 27 4.78 -2.11 7.66
C ILE A 27 4.10 -1.64 8.95
N THR A 28 2.81 -1.33 8.84
CA THR A 28 2.06 -0.86 9.99
C THR A 28 2.04 -1.92 11.08
N ALA A 29 1.80 -3.16 10.70
CA ALA A 29 1.74 -4.23 11.70
C ALA A 29 3.11 -4.41 12.36
N VAL A 30 4.16 -4.32 11.57
CA VAL A 30 5.51 -4.48 12.11
C VAL A 30 5.81 -3.40 13.14
N LEU A 31 5.47 -2.15 12.80
CA LEU A 31 5.73 -1.04 13.71
C LEU A 31 4.97 -1.21 15.03
N TYR A 32 3.71 -1.65 14.93
CA TYR A 32 2.88 -1.87 16.11
C TYR A 32 3.51 -2.94 17.02
N LYS A 33 3.97 -4.03 16.42
CA LYS A 33 4.58 -5.10 17.21
C LYS A 33 5.84 -4.61 17.93
N VAL A 34 6.66 -3.81 17.26
CA VAL A 34 7.89 -3.29 17.86
C VAL A 34 7.59 -2.22 18.91
N GLY A 35 6.31 -1.82 19.01
CA GLY A 35 5.89 -0.81 19.97
C GLY A 35 6.22 0.60 19.51
N PHE A 36 6.53 0.80 18.23
CA PHE A 36 6.89 2.13 17.76
C PHE A 36 5.77 3.15 17.98
N PHE A 37 4.55 2.80 17.59
CA PHE A 37 3.40 3.70 17.76
C PHE A 37 2.97 3.86 19.22
N LYS A 38 3.04 2.75 19.94
CA LYS A 38 2.68 2.79 21.36
C LYS A 38 3.58 3.77 22.10
N ARG A 39 4.88 3.72 21.83
CA ARG A 39 5.82 4.63 22.48
C ARG A 39 5.54 6.08 22.11
N GLN A 40 5.23 6.32 20.84
CA GLN A 40 4.93 7.69 20.41
C GLN A 40 3.68 8.21 21.11
N TYR A 41 2.69 7.36 21.26
CA TYR A 41 1.45 7.75 21.94
C TYR A 41 1.59 7.58 23.45
N LYS A 42 1.28 8.63 24.20
CA LYS A 42 1.38 8.58 25.66
C LYS A 42 0.82 7.27 26.19
N GLY A 1 -18.91 -6.35 -19.48
CA GLY A 1 -20.19 -6.01 -18.78
C GLY A 1 -21.13 -5.31 -19.75
N GLU A 2 -22.07 -4.55 -19.20
CA GLU A 2 -23.03 -3.82 -20.03
C GLU A 2 -22.32 -2.77 -20.86
N LYS A 3 -21.33 -2.11 -20.26
CA LYS A 3 -20.57 -1.07 -20.94
C LYS A 3 -19.07 -1.35 -20.85
N TYR A 4 -18.35 -1.00 -21.90
CA TYR A 4 -16.90 -1.21 -21.93
C TYR A 4 -16.17 0.13 -21.93
N LYS A 5 -15.08 0.21 -21.16
CA LYS A 5 -14.31 1.44 -21.07
C LYS A 5 -13.00 1.29 -21.84
N VAL A 6 -12.58 2.39 -22.47
CA VAL A 6 -11.34 2.39 -23.25
C VAL A 6 -10.13 2.14 -22.35
N HIS A 7 -10.15 2.74 -21.16
CA HIS A 7 -9.05 2.58 -20.22
C HIS A 7 -9.03 1.17 -19.64
N ASN A 8 -7.83 0.63 -19.48
CA ASN A 8 -7.66 -0.72 -18.92
C ASN A 8 -6.66 -0.69 -17.77
N PRO A 9 -7.05 -0.18 -16.63
CA PRO A 9 -6.16 -0.09 -15.43
C PRO A 9 -5.96 -1.43 -14.71
N THR A 10 -6.78 -2.41 -15.07
CA THR A 10 -6.76 -3.73 -14.44
C THR A 10 -5.37 -4.38 -14.33
N PRO A 11 -4.61 -4.40 -15.39
CA PRO A 11 -3.27 -5.08 -15.38
C PRO A 11 -2.21 -4.42 -14.49
N LEU A 12 -1.88 -3.18 -14.82
CA LEU A 12 -0.83 -2.44 -14.10
C LEU A 12 -1.28 -1.55 -12.94
N ILE A 13 -2.30 -0.71 -13.14
CA ILE A 13 -2.76 0.15 -12.04
C ILE A 13 -3.45 -0.64 -10.93
N VAL A 14 -4.32 -1.58 -11.24
CA VAL A 14 -4.94 -2.30 -10.13
C VAL A 14 -3.87 -3.08 -9.38
N GLY A 15 -3.09 -3.84 -10.12
CA GLY A 15 -2.05 -4.68 -9.53
C GLY A 15 -1.07 -3.86 -8.67
N SER A 16 -0.69 -2.69 -9.15
CA SER A 16 0.22 -1.82 -8.41
C SER A 16 -0.46 -1.25 -7.16
N SER A 17 -1.73 -0.88 -7.36
CA SER A 17 -2.50 -0.31 -6.26
C SER A 17 -2.60 -1.29 -5.08
N ILE A 18 -2.72 -2.57 -5.39
CA ILE A 18 -2.80 -3.60 -4.36
C ILE A 18 -1.48 -3.64 -3.57
N GLY A 19 -0.38 -3.52 -4.32
CA GLY A 19 0.93 -3.56 -3.67
C GLY A 19 1.05 -2.43 -2.65
N GLY A 20 0.57 -1.24 -2.96
CA GLY A 20 0.65 -0.15 -1.97
C GLY A 20 -0.03 -0.63 -0.70
N LEU A 21 -1.21 -1.23 -0.82
CA LEU A 21 -1.88 -1.81 0.34
C LEU A 21 -0.99 -2.96 0.83
N LEU A 22 -0.31 -3.73 0.00
CA LEU A 22 0.45 -4.85 0.56
C LEU A 22 1.50 -4.37 1.57
N LEU A 23 2.26 -3.39 1.09
CA LEU A 23 3.36 -2.82 1.86
C LEU A 23 2.91 -2.02 3.08
N LEU A 24 1.90 -1.19 2.89
CA LEU A 24 1.44 -0.33 3.99
C LEU A 24 0.93 -1.13 5.18
N ALA A 25 0.13 -2.15 4.93
CA ALA A 25 -0.41 -2.97 6.02
C ALA A 25 0.72 -3.71 6.74
N LEU A 26 1.65 -4.25 5.95
CA LEU A 26 2.78 -4.98 6.54
C LEU A 26 3.63 -4.06 7.41
N ILE A 27 3.93 -2.87 6.93
CA ILE A 27 4.75 -1.94 7.71
C ILE A 27 4.06 -1.52 9.00
N THR A 28 2.77 -1.22 8.89
CA THR A 28 2.00 -0.79 10.06
C THR A 28 1.96 -1.88 11.13
N ALA A 29 1.70 -3.12 10.72
CA ALA A 29 1.64 -4.22 11.67
C ALA A 29 3.00 -4.42 12.33
N VAL A 30 4.08 -4.34 11.55
CA VAL A 30 5.41 -4.54 12.12
C VAL A 30 5.71 -3.46 13.16
N LEU A 31 5.41 -2.22 12.82
CA LEU A 31 5.68 -1.11 13.73
C LEU A 31 4.90 -1.26 15.04
N TYR A 32 3.63 -1.67 14.91
CA TYR A 32 2.79 -1.87 16.08
C TYR A 32 3.36 -2.97 16.98
N LYS A 33 3.76 -4.08 16.39
CA LYS A 33 4.32 -5.18 17.16
C LYS A 33 5.60 -4.77 17.87
N VAL A 34 6.47 -4.01 17.22
CA VAL A 34 7.72 -3.58 17.84
C VAL A 34 7.46 -2.53 18.92
N GLY A 35 6.22 -2.09 19.04
CA GLY A 35 5.86 -1.09 20.06
C GLY A 35 6.25 0.32 19.63
N PHE A 36 6.53 0.53 18.35
CA PHE A 36 6.93 1.85 17.89
C PHE A 36 5.86 2.91 18.18
N PHE A 37 4.60 2.59 17.89
CA PHE A 37 3.53 3.55 18.13
C PHE A 37 3.02 3.46 19.57
N LYS A 38 3.57 2.50 20.29
CA LYS A 38 3.19 2.34 21.70
C LYS A 38 3.48 3.66 22.40
N ARG A 39 2.48 4.13 23.16
CA ARG A 39 2.59 5.38 23.92
C ARG A 39 3.47 6.40 23.20
N GLN A 40 3.47 6.37 21.88
CA GLN A 40 4.27 7.32 21.11
C GLN A 40 3.63 8.70 21.16
N TYR A 41 4.40 9.70 21.58
CA TYR A 41 3.90 11.07 21.66
C TYR A 41 4.49 11.93 20.56
N LYS A 42 5.22 11.30 19.64
CA LYS A 42 5.85 12.01 18.53
C LYS A 42 5.31 11.51 17.20
N GLY A 1 -12.19 13.78 -25.66
CA GLY A 1 -11.76 12.50 -25.04
C GLY A 1 -11.48 12.69 -23.55
N GLU A 2 -11.21 11.58 -22.87
CA GLU A 2 -10.91 11.60 -21.43
C GLU A 2 -9.56 12.27 -21.18
N LYS A 3 -9.51 13.04 -20.10
CA LYS A 3 -8.29 13.74 -19.72
C LYS A 3 -7.19 12.74 -19.36
N TYR A 4 -7.59 11.66 -18.69
CA TYR A 4 -6.64 10.64 -18.28
C TYR A 4 -5.94 10.00 -19.49
N LYS A 5 -6.69 9.78 -20.58
CA LYS A 5 -6.11 9.17 -21.78
C LYS A 5 -5.48 7.82 -21.44
N VAL A 6 -6.12 7.07 -20.53
CA VAL A 6 -5.60 5.76 -20.10
C VAL A 6 -6.73 4.71 -20.07
N HIS A 7 -6.40 3.47 -20.43
CA HIS A 7 -7.41 2.40 -20.43
C HIS A 7 -6.79 1.07 -20.06
N ASN A 8 -7.56 0.26 -19.32
CA ASN A 8 -7.10 -1.06 -18.89
C ASN A 8 -6.25 -0.94 -17.63
N PRO A 9 -6.77 -0.34 -16.60
CA PRO A 9 -6.05 -0.16 -15.30
C PRO A 9 -5.82 -1.49 -14.58
N THR A 10 -6.63 -2.47 -14.92
CA THR A 10 -6.53 -3.77 -14.27
C THR A 10 -5.10 -4.30 -14.20
N PRO A 11 -4.47 -4.59 -15.31
CA PRO A 11 -3.10 -5.15 -15.32
C PRO A 11 -2.08 -4.40 -14.46
N LEU A 12 -1.78 -3.15 -14.82
CA LEU A 12 -0.77 -2.37 -14.09
C LEU A 12 -1.27 -1.50 -12.94
N ILE A 13 -2.34 -0.74 -13.15
CA ILE A 13 -2.86 0.08 -12.07
C ILE A 13 -3.49 -0.77 -10.95
N VAL A 14 -4.28 -1.80 -11.23
CA VAL A 14 -4.84 -2.52 -10.07
C VAL A 14 -3.73 -3.23 -9.31
N GLY A 15 -2.93 -3.98 -10.08
CA GLY A 15 -1.84 -4.75 -9.50
C GLY A 15 -0.90 -3.89 -8.66
N SER A 16 -0.61 -2.68 -9.15
CA SER A 16 0.28 -1.76 -8.43
C SER A 16 -0.41 -1.17 -7.19
N SER A 17 -1.68 -0.83 -7.37
CA SER A 17 -2.45 -0.23 -6.27
C SER A 17 -2.60 -1.17 -5.07
N ILE A 18 -2.78 -2.46 -5.32
CA ILE A 18 -2.93 -3.42 -4.22
C ILE A 18 -1.60 -3.55 -3.47
N GLY A 19 -0.52 -3.48 -4.24
CA GLY A 19 0.81 -3.56 -3.63
C GLY A 19 0.95 -2.42 -2.63
N GLY A 20 0.48 -1.22 -2.97
CA GLY A 20 0.58 -0.13 -2.02
C GLY A 20 -0.10 -0.56 -0.72
N LEU A 21 -1.28 -1.15 -0.82
CA LEU A 21 -1.96 -1.70 0.36
C LEU A 21 -1.08 -2.84 0.85
N LEU A 22 -0.38 -3.63 0.05
CA LEU A 22 0.38 -4.74 0.62
C LEU A 22 1.41 -4.23 1.64
N LEU A 23 2.15 -3.23 1.17
CA LEU A 23 3.20 -2.61 1.97
C LEU A 23 2.69 -1.85 3.18
N LEU A 24 1.63 -1.10 2.99
CA LEU A 24 1.11 -0.29 4.09
C LEU A 24 0.66 -1.14 5.28
N ALA A 25 -0.10 -2.19 5.02
CA ALA A 25 -0.60 -3.06 6.08
C ALA A 25 0.53 -3.81 6.81
N LEU A 26 1.42 -4.44 6.05
CA LEU A 26 2.51 -5.20 6.68
C LEU A 26 3.44 -4.32 7.50
N ILE A 27 3.80 -3.16 6.93
CA ILE A 27 4.70 -2.25 7.65
C ILE A 27 4.06 -1.75 8.93
N THR A 28 2.78 -1.39 8.83
CA THR A 28 2.05 -0.89 9.99
C THR A 28 2.00 -1.95 11.09
N ALA A 29 1.71 -3.19 10.70
CA ALA A 29 1.63 -4.27 11.67
C ALA A 29 2.99 -4.51 12.33
N VAL A 30 4.06 -4.50 11.55
CA VAL A 30 5.38 -4.73 12.09
C VAL A 30 5.74 -3.64 13.11
N LEU A 31 5.47 -2.39 12.75
CA LEU A 31 5.80 -1.27 13.63
C LEU A 31 5.01 -1.37 14.95
N TYR A 32 3.74 -1.72 14.86
CA TYR A 32 2.91 -1.86 16.04
C TYR A 32 3.48 -2.93 16.96
N LYS A 33 3.87 -4.06 16.39
CA LYS A 33 4.43 -5.15 17.17
C LYS A 33 5.73 -4.71 17.88
N VAL A 34 6.60 -3.97 17.18
CA VAL A 34 7.85 -3.49 17.77
C VAL A 34 7.60 -2.41 18.83
N GLY A 35 6.34 -1.98 18.95
CA GLY A 35 5.98 -0.97 19.94
C GLY A 35 6.34 0.44 19.48
N PHE A 36 6.60 0.63 18.20
CA PHE A 36 6.96 1.97 17.71
C PHE A 36 5.85 2.98 18.01
N PHE A 37 4.60 2.60 17.73
CA PHE A 37 3.46 3.49 17.97
C PHE A 37 2.96 3.39 19.40
N LYS A 38 3.57 2.47 20.13
CA LYS A 38 3.19 2.34 21.53
C LYS A 38 3.41 3.71 22.18
N ARG A 39 2.42 4.16 22.93
CA ARG A 39 2.50 5.47 23.59
C ARG A 39 3.29 5.38 24.88
N GLN A 40 4.00 6.46 25.21
CA GLN A 40 4.80 6.49 26.43
C GLN A 40 3.89 6.41 27.65
N TYR A 41 2.77 7.09 27.58
CA TYR A 41 1.82 7.09 28.69
C TYR A 41 1.30 5.67 28.95
N LYS A 42 1.02 4.95 27.87
CA LYS A 42 0.52 3.59 28.00
C LYS A 42 0.53 2.87 26.64
#